data_8F2F
#
_entry.id   8F2F
#
_entity_poly.entity_id   1
_entity_poly.type   'polypeptide(L)'
_entity_poly.pdbx_seq_one_letter_code
;GCNRLNKKCNSDADCCRYGERCISTGVNYYCRPDVGP(NH2)
;
_entity_poly.pdbx_strand_id   A
#
# COMPACT_ATOMS: atom_id res chain seq x y z
N GLY A 1 1.73 6.60 10.94
CA GLY A 1 0.50 7.35 10.70
C GLY A 1 0.11 7.37 9.25
N CYS A 2 -0.34 6.25 8.75
CA CYS A 2 -0.75 6.11 7.37
C CYS A 2 -1.92 5.15 7.29
N ASN A 3 -2.95 5.51 6.55
CA ASN A 3 -4.07 4.61 6.35
C ASN A 3 -4.76 4.84 5.03
N ARG A 4 -4.20 4.23 4.03
CA ARG A 4 -4.75 4.16 2.68
C ARG A 4 -4.75 2.70 2.27
N LEU A 5 -4.59 1.85 3.28
CA LEU A 5 -4.52 0.41 3.13
C LEU A 5 -5.80 -0.13 2.53
N ASN A 6 -5.63 -1.06 1.60
CA ASN A 6 -6.72 -1.76 0.90
C ASN A 6 -7.34 -0.92 -0.18
N LYS A 7 -6.76 0.20 -0.44
CA LYS A 7 -7.12 0.98 -1.58
C LYS A 7 -6.20 0.59 -2.70
N LYS A 8 -6.65 0.77 -3.90
CA LYS A 8 -5.89 0.39 -5.04
C LYS A 8 -4.93 1.48 -5.34
N CYS A 9 -3.76 1.13 -5.64
CA CYS A 9 -2.78 2.08 -5.99
C CYS A 9 -2.28 1.86 -7.37
N ASN A 10 -1.78 2.92 -7.95
CA ASN A 10 -1.13 2.82 -9.21
C ASN A 10 0.32 2.53 -8.91
N SER A 11 0.74 2.93 -7.71
CA SER A 11 2.07 2.75 -7.24
C SER A 11 2.16 3.05 -5.80
N ASP A 12 3.30 2.71 -5.26
CA ASP A 12 3.77 3.05 -3.92
C ASP A 12 3.50 4.51 -3.63
N ALA A 13 3.65 5.32 -4.68
CA ALA A 13 3.52 6.76 -4.59
C ALA A 13 2.09 7.21 -4.30
N ASP A 14 1.14 6.33 -4.51
CA ASP A 14 -0.24 6.60 -4.27
C ASP A 14 -0.56 6.50 -2.77
N CYS A 15 0.33 5.86 -2.03
CA CYS A 15 0.17 5.65 -0.60
C CYS A 15 1.49 5.96 0.11
N CYS A 16 1.64 5.56 1.35
CA CYS A 16 2.92 5.71 2.01
C CYS A 16 3.86 4.60 1.55
N ARG A 17 5.13 4.83 1.72
CA ARG A 17 6.16 3.89 1.36
C ARG A 17 6.64 3.19 2.62
N TYR A 18 6.28 3.77 3.73
CA TYR A 18 6.63 3.24 5.01
C TYR A 18 5.36 3.01 5.76
N GLY A 19 5.20 1.83 6.22
CA GLY A 19 3.97 1.43 6.88
C GLY A 19 2.97 0.87 5.87
N GLU A 20 3.04 1.35 4.66
CA GLU A 20 2.19 0.91 3.58
C GLU A 20 3.08 0.69 2.42
N ARG A 21 2.65 -0.15 1.54
CA ARG A 21 3.29 -0.33 0.25
C ARG A 21 2.41 -1.07 -0.68
N CYS A 22 2.65 -0.91 -1.93
CA CYS A 22 1.84 -1.54 -2.92
C CYS A 22 2.25 -2.94 -3.19
N ILE A 23 1.38 -3.82 -2.88
CA ILE A 23 1.60 -5.23 -3.13
C ILE A 23 0.47 -5.64 -4.04
N SER A 24 0.62 -6.73 -4.67
CA SER A 24 -0.38 -7.19 -5.56
C SER A 24 -1.30 -8.09 -4.78
N THR A 25 -2.55 -7.88 -4.95
CA THR A 25 -3.54 -8.64 -4.24
C THR A 25 -4.21 -9.63 -5.21
N GLY A 26 -3.54 -9.81 -6.34
CA GLY A 26 -4.01 -10.73 -7.32
C GLY A 26 -4.07 -10.09 -8.66
N VAL A 27 -5.09 -9.34 -8.87
CA VAL A 27 -5.30 -8.67 -10.14
C VAL A 27 -4.71 -7.28 -10.09
N ASN A 28 -4.98 -6.57 -9.02
CA ASN A 28 -4.53 -5.21 -8.92
C ASN A 28 -3.61 -5.02 -7.73
N TYR A 29 -2.99 -3.87 -7.70
CA TYR A 29 -2.13 -3.48 -6.63
C TYR A 29 -2.89 -2.68 -5.63
N TYR A 30 -2.79 -3.07 -4.41
CA TYR A 30 -3.40 -2.36 -3.34
C TYR A 30 -2.33 -1.99 -2.39
N CYS A 31 -2.60 -1.04 -1.59
CA CYS A 31 -1.66 -0.63 -0.61
C CYS A 31 -1.88 -1.53 0.58
N ARG A 32 -0.87 -2.22 0.93
CA ARG A 32 -0.92 -3.23 1.93
C ARG A 32 -0.02 -2.82 3.04
N PRO A 33 -0.31 -3.23 4.27
CA PRO A 33 0.45 -2.82 5.41
C PRO A 33 1.81 -3.48 5.49
N ASP A 34 2.77 -2.68 5.84
CA ASP A 34 4.06 -3.08 6.12
C ASP A 34 4.27 -2.74 7.55
N VAL A 35 5.08 -3.46 8.18
CA VAL A 35 5.34 -3.34 9.61
C VAL A 35 5.87 -1.98 9.98
N GLY A 36 6.60 -1.45 9.11
CA GLY A 36 7.28 -0.21 9.33
C GLY A 36 8.33 -0.37 10.40
N PRO A 37 8.25 0.42 11.47
CA PRO A 37 9.19 0.31 12.57
C PRO A 37 8.76 -0.76 13.58
N GLY A 1 -2.83 10.64 9.91
CA GLY A 1 -2.61 9.20 10.07
C GLY A 1 -2.78 8.49 8.77
N CYS A 2 -1.76 7.77 8.35
CA CYS A 2 -1.81 7.02 7.10
C CYS A 2 -2.84 5.91 7.18
N ASN A 3 -3.81 5.92 6.28
CA ASN A 3 -4.80 4.90 6.20
C ASN A 3 -5.40 4.86 4.81
N ARG A 4 -4.61 4.45 3.88
CA ARG A 4 -5.01 4.22 2.51
C ARG A 4 -4.82 2.75 2.22
N LEU A 5 -4.65 2.03 3.32
CA LEU A 5 -4.47 0.60 3.35
C LEU A 5 -5.67 -0.08 2.73
N ASN A 6 -5.39 -1.08 1.94
CA ASN A 6 -6.36 -1.93 1.24
C ASN A 6 -7.01 -1.23 0.08
N LYS A 7 -6.62 -0.01 -0.16
CA LYS A 7 -7.10 0.68 -1.33
C LYS A 7 -6.11 0.43 -2.43
N LYS A 8 -6.59 0.45 -3.63
CA LYS A 8 -5.82 0.12 -4.76
C LYS A 8 -4.96 1.29 -5.13
N CYS A 9 -3.74 1.02 -5.36
CA CYS A 9 -2.81 2.05 -5.73
C CYS A 9 -2.28 1.80 -7.09
N ASN A 10 -1.64 2.77 -7.65
CA ASN A 10 -0.96 2.59 -8.89
C ASN A 10 0.52 2.65 -8.56
N SER A 11 0.81 3.08 -7.33
CA SER A 11 2.17 3.22 -6.87
C SER A 11 2.23 3.53 -5.43
N ASP A 12 3.40 3.32 -4.87
CA ASP A 12 3.80 3.75 -3.52
C ASP A 12 3.36 5.19 -3.30
N ALA A 13 3.50 5.98 -4.36
CA ALA A 13 3.17 7.41 -4.34
C ALA A 13 1.69 7.69 -4.08
N ASP A 14 0.86 6.67 -4.22
CA ASP A 14 -0.56 6.79 -3.97
C ASP A 14 -0.87 6.74 -2.49
N CYS A 15 0.08 6.28 -1.72
CA CYS A 15 -0.09 6.11 -0.30
C CYS A 15 1.17 6.60 0.42
N CYS A 16 1.27 6.34 1.70
CA CYS A 16 2.47 6.70 2.39
C CYS A 16 3.55 5.70 2.06
N ARG A 17 4.78 6.10 2.14
CA ARG A 17 5.89 5.23 1.85
C ARG A 17 6.34 4.56 3.14
N TYR A 18 5.97 5.15 4.22
CA TYR A 18 6.31 4.65 5.50
C TYR A 18 5.04 4.36 6.21
N GLY A 19 4.91 3.17 6.65
CA GLY A 19 3.69 2.72 7.26
C GLY A 19 2.79 2.04 6.25
N GLU A 20 2.97 2.37 4.98
CA GLU A 20 2.20 1.80 3.89
C GLU A 20 3.14 1.52 2.75
N ARG A 21 2.76 0.61 1.90
CA ARG A 21 3.45 0.32 0.66
C ARG A 21 2.57 -0.43 -0.26
N CYS A 22 2.84 -0.34 -1.53
CA CYS A 22 2.04 -1.09 -2.48
C CYS A 22 2.50 -2.50 -2.65
N ILE A 23 1.64 -3.42 -2.30
CA ILE A 23 1.92 -4.84 -2.45
C ILE A 23 0.74 -5.38 -3.23
N SER A 24 0.87 -6.55 -3.74
CA SER A 24 -0.18 -7.15 -4.47
C SER A 24 -1.08 -7.85 -3.48
N THR A 25 -2.34 -7.82 -3.72
CA THR A 25 -3.28 -8.50 -2.90
C THR A 25 -4.35 -9.06 -3.80
N GLY A 26 -3.92 -10.01 -4.56
CA GLY A 26 -4.76 -10.66 -5.48
C GLY A 26 -4.38 -10.27 -6.88
N VAL A 27 -5.30 -9.67 -7.58
CA VAL A 27 -5.07 -9.27 -8.96
C VAL A 27 -4.39 -7.91 -9.02
N ASN A 28 -4.71 -7.06 -8.07
CA ASN A 28 -4.25 -5.69 -8.10
C ASN A 28 -3.34 -5.38 -6.92
N TYR A 29 -2.72 -4.22 -6.99
CA TYR A 29 -1.85 -3.75 -5.98
C TYR A 29 -2.59 -2.82 -5.08
N TYR A 30 -2.49 -3.08 -3.84
CA TYR A 30 -3.14 -2.30 -2.85
C TYR A 30 -2.13 -1.84 -1.88
N CYS A 31 -2.45 -0.86 -1.16
CA CYS A 31 -1.54 -0.38 -0.17
C CYS A 31 -1.68 -1.23 1.06
N ARG A 32 -0.59 -1.76 1.48
CA ARG A 32 -0.52 -2.67 2.56
C ARG A 32 0.41 -2.08 3.59
N PRO A 33 0.20 -2.35 4.87
CA PRO A 33 1.03 -1.78 5.93
C PRO A 33 2.50 -2.14 5.79
N ASP A 34 3.32 -1.15 5.97
CA ASP A 34 4.76 -1.30 5.91
C ASP A 34 5.30 -1.69 7.25
N VAL A 35 5.31 -2.96 7.43
CA VAL A 35 5.77 -3.66 8.59
C VAL A 35 6.17 -5.05 8.14
N GLY A 36 7.32 -5.47 8.54
CA GLY A 36 7.80 -6.78 8.21
C GLY A 36 8.27 -6.86 6.76
N PRO A 37 8.01 -7.97 6.07
CA PRO A 37 8.39 -8.15 4.68
C PRO A 37 7.37 -7.54 3.74
N GLY A 1 1.10 9.50 9.06
CA GLY A 1 0.13 8.41 9.06
C GLY A 1 -0.99 8.70 8.11
N CYS A 2 -1.29 7.77 7.25
CA CYS A 2 -2.36 7.93 6.30
C CYS A 2 -3.27 6.72 6.39
N ASN A 3 -4.44 6.85 5.85
CA ASN A 3 -5.40 5.77 5.82
C ASN A 3 -5.62 5.37 4.37
N ARG A 4 -4.60 4.80 3.78
CA ARG A 4 -4.67 4.36 2.40
C ARG A 4 -4.52 2.87 2.34
N LEU A 5 -4.53 2.25 3.48
CA LEU A 5 -4.33 0.84 3.59
C LEU A 5 -5.59 0.14 3.14
N ASN A 6 -5.41 -0.92 2.38
CA ASN A 6 -6.47 -1.74 1.78
C ASN A 6 -7.10 -1.05 0.59
N LYS A 7 -6.61 0.12 0.28
CA LYS A 7 -7.06 0.80 -0.88
C LYS A 7 -6.19 0.39 -2.01
N LYS A 8 -6.73 0.44 -3.18
CA LYS A 8 -6.09 -0.04 -4.33
C LYS A 8 -5.16 0.99 -4.91
N CYS A 9 -3.97 0.57 -5.16
CA CYS A 9 -2.95 1.40 -5.72
C CYS A 9 -2.51 0.86 -7.04
N ASN A 10 -1.82 1.66 -7.79
CA ASN A 10 -1.21 1.20 -9.00
C ASN A 10 0.25 1.06 -8.70
N SER A 11 0.67 1.72 -7.63
CA SER A 11 2.03 1.80 -7.24
C SER A 11 2.13 2.31 -5.85
N ASP A 12 3.26 2.11 -5.24
CA ASP A 12 3.57 2.56 -3.92
C ASP A 12 3.43 4.06 -3.83
N ALA A 13 3.56 4.72 -4.98
CA ALA A 13 3.42 6.18 -5.08
C ALA A 13 1.96 6.62 -4.86
N ASP A 14 1.06 5.66 -4.88
CA ASP A 14 -0.33 5.90 -4.63
C ASP A 14 -0.59 5.88 -3.13
N CYS A 15 0.34 5.32 -2.38
CA CYS A 15 0.23 5.26 -0.94
C CYS A 15 1.10 6.38 -0.38
N CYS A 16 1.19 6.52 0.91
CA CYS A 16 2.09 7.51 1.47
C CYS A 16 3.52 6.99 1.48
N ARG A 17 4.47 7.91 1.57
CA ARG A 17 5.89 7.59 1.48
C ARG A 17 6.36 6.70 2.63
N TYR A 18 5.64 6.73 3.71
CA TYR A 18 6.00 5.96 4.88
C TYR A 18 4.81 5.29 5.51
N GLY A 19 5.04 4.07 5.95
CA GLY A 19 4.04 3.31 6.68
C GLY A 19 3.19 2.45 5.80
N GLU A 20 3.35 2.61 4.51
CA GLU A 20 2.55 1.94 3.51
C GLU A 20 3.40 1.52 2.34
N ARG A 21 2.97 0.50 1.71
CA ARG A 21 3.54 0.01 0.47
C ARG A 21 2.53 -0.76 -0.28
N CYS A 22 2.77 -0.95 -1.53
CA CYS A 22 1.86 -1.74 -2.32
C CYS A 22 2.26 -3.16 -2.35
N ILE A 23 1.33 -3.99 -2.08
CA ILE A 23 1.49 -5.37 -2.24
C ILE A 23 0.62 -5.85 -3.38
N SER A 24 0.98 -6.93 -3.98
CA SER A 24 0.20 -7.44 -5.05
C SER A 24 -0.73 -8.50 -4.51
N THR A 25 -1.92 -8.51 -5.01
CA THR A 25 -2.84 -9.55 -4.67
C THR A 25 -3.02 -10.47 -5.88
N GLY A 26 -2.21 -10.23 -6.88
CA GLY A 26 -2.26 -10.99 -8.08
C GLY A 26 -2.46 -10.10 -9.28
N VAL A 27 -3.58 -9.43 -9.32
CA VAL A 27 -3.88 -8.54 -10.43
C VAL A 27 -3.79 -7.11 -9.96
N ASN A 28 -4.37 -6.85 -8.82
CA ASN A 28 -4.40 -5.52 -8.29
C ASN A 28 -3.41 -5.38 -7.17
N TYR A 29 -3.02 -4.19 -6.94
CA TYR A 29 -2.12 -3.83 -5.91
C TYR A 29 -2.89 -3.04 -4.89
N TYR A 30 -2.64 -3.29 -3.66
CA TYR A 30 -3.28 -2.55 -2.59
C TYR A 30 -2.24 -2.11 -1.65
N CYS A 31 -2.53 -1.10 -0.92
CA CYS A 31 -1.55 -0.59 0.00
C CYS A 31 -1.74 -1.30 1.33
N ARG A 32 -0.68 -1.79 1.85
CA ARG A 32 -0.67 -2.43 3.14
C ARG A 32 0.42 -1.79 3.94
N PRO A 33 0.48 -1.97 5.28
CA PRO A 33 1.50 -1.33 6.09
C PRO A 33 2.90 -1.79 5.74
N ASP A 34 3.85 -0.91 5.93
CA ASP A 34 5.23 -1.23 5.70
C ASP A 34 5.74 -2.06 6.83
N VAL A 35 5.62 -3.31 6.64
CA VAL A 35 6.04 -4.30 7.55
C VAL A 35 6.88 -5.28 6.78
N GLY A 36 8.03 -5.52 7.30
CA GLY A 36 8.98 -6.46 6.73
C GLY A 36 8.38 -7.82 6.39
N PRO A 37 7.90 -8.59 7.39
CA PRO A 37 7.26 -9.87 7.15
C PRO A 37 5.87 -9.69 6.54
N GLY A 1 -0.05 11.22 8.21
CA GLY A 1 -0.39 9.93 8.80
C GLY A 1 -0.54 8.89 7.72
N CYS A 2 -0.45 7.65 8.08
CA CYS A 2 -0.54 6.56 7.15
C CYS A 2 -1.70 5.66 7.48
N ASN A 3 -2.76 5.79 6.72
CA ASN A 3 -3.92 4.97 6.86
C ASN A 3 -4.64 4.92 5.53
N ARG A 4 -3.92 4.40 4.55
CA ARG A 4 -4.43 4.21 3.21
C ARG A 4 -4.31 2.76 2.84
N LEU A 5 -4.13 1.96 3.85
CA LEU A 5 -3.99 0.54 3.68
C LEU A 5 -5.25 -0.08 3.13
N ASN A 6 -5.06 -1.03 2.25
CA ASN A 6 -6.13 -1.81 1.61
C ASN A 6 -6.87 -1.02 0.55
N LYS A 7 -6.38 0.16 0.26
CA LYS A 7 -6.87 0.91 -0.87
C LYS A 7 -6.07 0.50 -2.05
N LYS A 8 -6.66 0.49 -3.20
CA LYS A 8 -6.00 0.07 -4.37
C LYS A 8 -5.18 1.21 -4.87
N CYS A 9 -3.94 0.97 -5.04
CA CYS A 9 -3.01 1.97 -5.43
C CYS A 9 -2.62 1.82 -6.86
N ASN A 10 -2.15 2.90 -7.41
CA ASN A 10 -1.57 2.89 -8.71
C ASN A 10 -0.05 2.92 -8.53
N SER A 11 0.39 3.33 -7.32
CA SER A 11 1.79 3.45 -7.00
C SER A 11 2.00 3.81 -5.58
N ASP A 12 3.27 3.81 -5.23
CA ASP A 12 3.85 4.37 -3.99
C ASP A 12 3.17 5.70 -3.65
N ALA A 13 2.87 6.45 -4.70
CA ALA A 13 2.30 7.78 -4.60
C ALA A 13 0.87 7.76 -4.06
N ASP A 14 0.27 6.61 -4.03
CA ASP A 14 -1.07 6.46 -3.52
C ASP A 14 -1.03 6.18 -2.05
N CYS A 15 0.11 5.84 -1.57
CA CYS A 15 0.28 5.43 -0.19
C CYS A 15 1.30 6.40 0.42
N CYS A 16 1.65 6.22 1.67
CA CYS A 16 2.77 6.97 2.24
C CYS A 16 4.06 6.61 1.53
N ARG A 17 5.07 7.45 1.68
CA ARG A 17 6.36 7.20 1.05
C ARG A 17 7.02 5.99 1.68
N TYR A 18 6.70 5.73 2.91
CA TYR A 18 7.18 4.56 3.58
C TYR A 18 6.16 4.18 4.62
N GLY A 19 6.15 2.94 5.01
CA GLY A 19 5.18 2.46 5.97
C GLY A 19 4.10 1.72 5.24
N GLU A 20 3.67 2.30 4.16
CA GLU A 20 2.70 1.73 3.28
C GLU A 20 3.36 1.65 1.93
N ARG A 21 3.09 0.62 1.20
CA ARG A 21 3.54 0.50 -0.16
C ARG A 21 2.67 -0.42 -0.92
N CYS A 22 2.74 -0.33 -2.21
CA CYS A 22 1.95 -1.21 -3.05
C CYS A 22 2.40 -2.66 -3.00
N ILE A 23 1.55 -3.49 -2.49
CA ILE A 23 1.79 -4.93 -2.50
C ILE A 23 0.67 -5.55 -3.32
N SER A 24 0.84 -6.75 -3.74
CA SER A 24 -0.11 -7.38 -4.61
C SER A 24 -1.04 -8.26 -3.81
N THR A 25 -2.29 -8.20 -4.14
CA THR A 25 -3.27 -9.06 -3.51
C THR A 25 -3.65 -10.19 -4.46
N GLY A 26 -2.92 -10.24 -5.56
CA GLY A 26 -3.16 -11.20 -6.57
C GLY A 26 -3.25 -10.55 -7.90
N VAL A 27 -4.34 -9.85 -8.12
CA VAL A 27 -4.58 -9.19 -9.38
C VAL A 27 -4.23 -7.71 -9.30
N ASN A 28 -4.68 -7.07 -8.26
CA ASN A 28 -4.47 -5.64 -8.12
C ASN A 28 -3.54 -5.37 -6.96
N TYR A 29 -3.01 -4.18 -6.94
CA TYR A 29 -2.08 -3.76 -5.96
C TYR A 29 -2.75 -2.82 -5.01
N TYR A 30 -2.54 -3.04 -3.77
CA TYR A 30 -3.12 -2.23 -2.74
C TYR A 30 -2.03 -1.79 -1.83
N CYS A 31 -2.30 -0.78 -1.08
CA CYS A 31 -1.31 -0.29 -0.15
C CYS A 31 -1.36 -1.19 1.04
N ARG A 32 -0.27 -1.81 1.31
CA ARG A 32 -0.17 -2.70 2.41
C ARG A 32 0.99 -2.24 3.25
N PRO A 33 0.95 -2.51 4.56
CA PRO A 33 1.99 -2.07 5.46
C PRO A 33 3.33 -2.75 5.20
N ASP A 34 4.40 -1.99 5.34
CA ASP A 34 5.77 -2.50 5.17
C ASP A 34 6.11 -3.48 6.27
N VAL A 35 5.40 -3.34 7.29
CA VAL A 35 5.49 -4.15 8.44
C VAL A 35 4.14 -4.77 8.75
N GLY A 36 4.07 -6.03 8.45
CA GLY A 36 2.87 -6.78 8.66
C GLY A 36 2.59 -6.98 10.12
N PRO A 37 1.47 -6.46 10.64
CA PRO A 37 1.14 -6.57 12.05
C PRO A 37 0.58 -7.95 12.40
N GLY A 1 -1.89 10.45 7.67
CA GLY A 1 -2.99 9.51 7.82
C GLY A 1 -2.81 8.34 6.92
N CYS A 2 -2.15 7.32 7.40
CA CYS A 2 -1.93 6.14 6.61
C CYS A 2 -3.10 5.19 6.71
N ASN A 3 -4.08 5.44 5.86
CA ASN A 3 -5.27 4.63 5.74
C ASN A 3 -5.44 4.33 4.26
N ARG A 4 -4.32 4.25 3.62
CA ARG A 4 -4.29 3.94 2.22
C ARG A 4 -4.14 2.44 2.09
N LEU A 5 -3.92 1.82 3.23
CA LEU A 5 -3.95 0.40 3.41
C LEU A 5 -5.30 -0.12 2.93
N ASN A 6 -5.25 -1.02 1.97
CA ASN A 6 -6.42 -1.64 1.31
C ASN A 6 -7.02 -0.77 0.24
N LYS A 7 -6.42 0.38 0.01
CA LYS A 7 -6.81 1.23 -1.11
C LYS A 7 -5.93 0.81 -2.27
N LYS A 8 -6.40 1.01 -3.47
CA LYS A 8 -5.71 0.56 -4.63
C LYS A 8 -4.58 1.50 -4.98
N CYS A 9 -3.49 0.94 -5.30
CA CYS A 9 -2.33 1.69 -5.69
C CYS A 9 -1.73 1.11 -6.93
N ASN A 10 -0.86 1.86 -7.53
CA ASN A 10 -0.07 1.37 -8.61
C ASN A 10 1.38 1.47 -8.20
N SER A 11 1.61 2.15 -7.08
CA SER A 11 2.93 2.39 -6.61
C SER A 11 2.94 2.83 -5.20
N ASP A 12 4.09 2.69 -4.61
CA ASP A 12 4.43 3.15 -3.27
C ASP A 12 3.99 4.61 -3.11
N ALA A 13 4.09 5.35 -4.21
CA ALA A 13 3.70 6.78 -4.26
C ALA A 13 2.20 7.00 -4.04
N ASP A 14 1.41 5.96 -4.22
CA ASP A 14 -0.02 6.04 -4.04
C ASP A 14 -0.37 5.83 -2.60
N CYS A 15 0.59 5.37 -1.85
CA CYS A 15 0.41 5.08 -0.47
C CYS A 15 1.15 6.16 0.31
N CYS A 16 1.35 5.98 1.59
CA CYS A 16 2.21 6.87 2.35
C CYS A 16 3.67 6.72 1.86
N ARG A 17 4.50 7.65 2.26
CA ARG A 17 5.91 7.65 1.85
C ARG A 17 6.68 6.60 2.64
N TYR A 18 6.10 6.19 3.74
CA TYR A 18 6.62 5.19 4.59
C TYR A 18 5.46 4.59 5.36
N GLY A 19 5.56 3.33 5.65
CA GLY A 19 4.53 2.68 6.42
C GLY A 19 3.63 1.81 5.57
N GLU A 20 3.45 2.18 4.32
CA GLU A 20 2.58 1.46 3.40
C GLU A 20 3.33 1.22 2.10
N ARG A 21 3.08 0.11 1.48
CA ARG A 21 3.66 -0.24 0.18
C ARG A 21 2.62 -0.96 -0.62
N CYS A 22 2.89 -1.17 -1.85
CA CYS A 22 1.95 -1.91 -2.70
C CYS A 22 2.19 -3.39 -2.68
N ILE A 23 1.17 -4.12 -2.36
CA ILE A 23 1.21 -5.58 -2.44
C ILE A 23 0.04 -5.99 -3.31
N SER A 24 0.02 -7.19 -3.74
CA SER A 24 -1.01 -7.64 -4.59
C SER A 24 -2.07 -8.31 -3.77
N THR A 25 -3.27 -8.22 -4.19
CA THR A 25 -4.35 -8.89 -3.54
C THR A 25 -5.00 -9.84 -4.56
N GLY A 26 -4.24 -10.13 -5.62
CA GLY A 26 -4.68 -11.04 -6.63
C GLY A 26 -4.71 -10.41 -7.98
N VAL A 27 -5.71 -9.61 -8.23
CA VAL A 27 -5.88 -8.98 -9.52
C VAL A 27 -5.34 -7.54 -9.49
N ASN A 28 -5.47 -6.89 -8.37
CA ASN A 28 -5.00 -5.53 -8.26
C ASN A 28 -4.05 -5.40 -7.09
N TYR A 29 -3.36 -4.29 -7.06
CA TYR A 29 -2.43 -3.96 -6.03
C TYR A 29 -3.04 -2.96 -5.09
N TYR A 30 -2.90 -3.22 -3.84
CA TYR A 30 -3.42 -2.37 -2.83
C TYR A 30 -2.33 -2.09 -1.85
N CYS A 31 -2.46 -1.03 -1.14
CA CYS A 31 -1.43 -0.67 -0.18
C CYS A 31 -1.57 -1.54 1.07
N ARG A 32 -0.45 -2.05 1.51
CA ARG A 32 -0.36 -2.89 2.69
C ARG A 32 0.85 -2.41 3.47
N PRO A 33 1.03 -2.80 4.75
CA PRO A 33 2.14 -2.32 5.58
C PRO A 33 3.54 -2.54 4.99
N ASP A 34 4.33 -1.47 4.99
CA ASP A 34 5.72 -1.47 4.50
C ASP A 34 6.65 -1.78 5.65
N VAL A 35 6.06 -1.80 6.76
CA VAL A 35 6.73 -2.00 8.00
C VAL A 35 6.76 -3.47 8.39
N GLY A 36 7.80 -4.10 7.95
CA GLY A 36 8.03 -5.49 8.23
C GLY A 36 7.77 -6.33 7.01
N PRO A 37 6.69 -7.13 6.99
CA PRO A 37 6.32 -7.93 5.82
C PRO A 37 5.80 -7.05 4.69
N GLY A 1 -2.19 12.25 7.13
CA GLY A 1 -2.65 10.92 7.50
C GLY A 1 -1.95 9.89 6.67
N CYS A 2 -1.80 8.73 7.21
CA CYS A 2 -1.14 7.67 6.51
C CYS A 2 -1.94 6.40 6.65
N ASN A 3 -2.91 6.23 5.78
CA ASN A 3 -3.72 5.02 5.76
C ASN A 3 -4.33 4.78 4.39
N ARG A 4 -3.59 4.16 3.55
CA ARG A 4 -4.05 3.76 2.24
C ARG A 4 -4.09 2.26 2.20
N LEU A 5 -4.03 1.70 3.38
CA LEU A 5 -4.02 0.28 3.57
C LEU A 5 -5.29 -0.33 3.05
N ASN A 6 -5.11 -1.35 2.22
CA ASN A 6 -6.18 -2.15 1.60
C ASN A 6 -6.89 -1.38 0.52
N LYS A 7 -6.40 -0.23 0.24
CA LYS A 7 -6.93 0.57 -0.80
C LYS A 7 -6.10 0.32 -2.02
N LYS A 8 -6.71 0.35 -3.13
CA LYS A 8 -6.09 0.04 -4.35
C LYS A 8 -5.33 1.23 -4.85
N CYS A 9 -4.08 1.03 -5.05
CA CYS A 9 -3.20 2.08 -5.45
C CYS A 9 -2.94 2.02 -6.92
N ASN A 10 -2.45 3.11 -7.44
CA ASN A 10 -1.99 3.13 -8.81
C ASN A 10 -0.49 2.93 -8.75
N SER A 11 0.07 3.25 -7.59
CA SER A 11 1.48 3.16 -7.35
C SER A 11 1.78 3.40 -5.93
N ASP A 12 2.99 3.09 -5.58
CA ASP A 12 3.60 3.37 -4.29
C ASP A 12 3.36 4.82 -3.92
N ALA A 13 3.40 5.67 -4.95
CA ALA A 13 3.28 7.12 -4.79
C ALA A 13 1.89 7.54 -4.32
N ASP A 14 0.93 6.65 -4.45
CA ASP A 14 -0.41 6.90 -4.04
C ASP A 14 -0.57 6.65 -2.55
N CYS A 15 0.40 5.98 -1.97
CA CYS A 15 0.37 5.62 -0.58
C CYS A 15 1.63 6.14 0.09
N CYS A 16 1.82 5.85 1.36
CA CYS A 16 3.00 6.31 2.05
C CYS A 16 4.23 5.57 1.57
N ARG A 17 5.36 6.22 1.63
CA ARG A 17 6.62 5.66 1.20
C ARG A 17 7.17 4.78 2.31
N TYR A 18 6.74 5.06 3.50
CA TYR A 18 7.15 4.30 4.63
C TYR A 18 5.92 3.87 5.33
N GLY A 19 5.91 2.63 5.68
CA GLY A 19 4.75 2.08 6.32
C GLY A 19 3.82 1.39 5.36
N GLU A 20 3.78 1.84 4.11
CA GLU A 20 2.87 1.29 3.12
C GLU A 20 3.60 1.10 1.81
N ARG A 21 3.13 0.14 1.03
CA ARG A 21 3.51 -0.04 -0.36
C ARG A 21 2.57 -0.96 -1.08
N CYS A 22 2.58 -0.88 -2.37
CA CYS A 22 1.67 -1.66 -3.19
C CYS A 22 2.10 -3.11 -3.33
N ILE A 23 1.28 -3.99 -2.83
CA ILE A 23 1.49 -5.41 -2.97
C ILE A 23 0.24 -5.91 -3.68
N SER A 24 0.29 -7.05 -4.23
CA SER A 24 -0.82 -7.52 -5.00
C SER A 24 -1.75 -8.35 -4.13
N THR A 25 -2.99 -8.32 -4.49
CA THR A 25 -3.98 -9.10 -3.86
C THR A 25 -4.87 -9.57 -4.97
N GLY A 26 -4.35 -10.52 -5.67
CA GLY A 26 -5.01 -11.11 -6.76
C GLY A 26 -4.49 -10.52 -8.03
N VAL A 27 -5.26 -9.63 -8.59
CA VAL A 27 -4.84 -8.95 -9.79
C VAL A 27 -4.52 -7.50 -9.46
N ASN A 28 -5.26 -6.95 -8.50
CA ASN A 28 -5.09 -5.56 -8.13
C ASN A 28 -3.96 -5.42 -7.17
N TYR A 29 -3.51 -4.22 -7.02
CA TYR A 29 -2.49 -3.90 -6.12
C TYR A 29 -3.04 -2.94 -5.09
N TYR A 30 -2.90 -3.32 -3.87
CA TYR A 30 -3.38 -2.55 -2.78
C TYR A 30 -2.24 -2.22 -1.92
N CYS A 31 -2.38 -1.23 -1.14
CA CYS A 31 -1.32 -0.85 -0.28
C CYS A 31 -1.38 -1.61 0.98
N ARG A 32 -0.30 -2.24 1.26
CA ARG A 32 -0.17 -3.08 2.40
C ARG A 32 0.89 -2.49 3.29
N PRO A 33 0.81 -2.73 4.60
CA PRO A 33 1.75 -2.17 5.52
C PRO A 33 3.12 -2.85 5.45
N ASP A 34 4.12 -2.03 5.31
CA ASP A 34 5.51 -2.49 5.24
C ASP A 34 6.12 -2.42 6.62
N VAL A 35 5.33 -1.93 7.48
CA VAL A 35 5.64 -1.74 8.86
C VAL A 35 4.42 -2.17 9.63
N GLY A 36 4.59 -3.11 10.47
CA GLY A 36 3.53 -3.59 11.30
C GLY A 36 3.56 -5.10 11.42
N PRO A 37 2.76 -5.82 10.59
CA PRO A 37 2.68 -7.30 10.60
C PRO A 37 4.06 -7.98 10.47
N GLY A 1 -1.67 10.91 9.58
CA GLY A 1 -0.78 9.76 9.47
C GLY A 1 -1.06 9.01 8.20
N CYS A 2 -0.50 7.86 8.04
CA CYS A 2 -0.72 7.10 6.85
C CYS A 2 -1.64 5.92 7.08
N ASN A 3 -2.78 5.97 6.43
CA ASN A 3 -3.70 4.87 6.38
C ASN A 3 -4.42 4.92 5.06
N ARG A 4 -3.74 4.44 4.07
CA ARG A 4 -4.26 4.36 2.72
C ARG A 4 -4.25 2.88 2.34
N LEU A 5 -4.06 2.08 3.36
CA LEU A 5 -3.95 0.65 3.29
C LEU A 5 -5.23 -0.02 2.82
N ASN A 6 -5.06 -1.07 2.04
CA ASN A 6 -6.13 -1.91 1.48
C ASN A 6 -6.91 -1.19 0.40
N LYS A 7 -6.40 -0.07 0.00
CA LYS A 7 -6.95 0.65 -1.11
C LYS A 7 -6.04 0.45 -2.27
N LYS A 8 -6.56 0.58 -3.45
CA LYS A 8 -5.82 0.32 -4.64
C LYS A 8 -4.93 1.48 -4.94
N CYS A 9 -3.76 1.18 -5.34
CA CYS A 9 -2.82 2.19 -5.73
C CYS A 9 -2.46 2.05 -7.17
N ASN A 10 -1.94 3.10 -7.74
CA ASN A 10 -1.41 3.03 -9.08
C ASN A 10 0.06 2.72 -8.92
N SER A 11 0.58 3.03 -7.74
CA SER A 11 1.96 2.84 -7.39
C SER A 11 2.17 3.09 -5.95
N ASP A 12 3.33 2.70 -5.50
CA ASP A 12 3.86 2.98 -4.15
C ASP A 12 3.66 4.45 -3.84
N ALA A 13 3.84 5.28 -4.88
CA ALA A 13 3.78 6.74 -4.77
C ALA A 13 2.37 7.26 -4.47
N ASP A 14 1.38 6.41 -4.58
CA ASP A 14 0.01 6.75 -4.27
C ASP A 14 -0.16 6.75 -2.76
N CYS A 15 0.66 5.98 -2.11
CA CYS A 15 0.59 5.84 -0.69
C CYS A 15 1.88 6.40 -0.10
N CYS A 16 2.05 6.32 1.20
CA CYS A 16 3.23 6.89 1.82
C CYS A 16 4.50 6.12 1.45
N ARG A 17 5.61 6.84 1.46
CA ARG A 17 6.91 6.32 1.06
C ARG A 17 7.38 5.26 2.03
N TYR A 18 6.94 5.36 3.23
CA TYR A 18 7.30 4.42 4.25
C TYR A 18 6.06 4.05 5.00
N GLY A 19 6.03 2.84 5.51
CA GLY A 19 4.90 2.38 6.25
C GLY A 19 3.91 1.67 5.38
N GLU A 20 3.76 2.16 4.18
CA GLU A 20 2.85 1.61 3.21
C GLU A 20 3.64 1.31 1.97
N ARG A 21 3.20 0.34 1.23
CA ARG A 21 3.75 0.00 -0.06
C ARG A 21 2.72 -0.68 -0.84
N CYS A 22 2.94 -0.79 -2.09
CA CYS A 22 2.02 -1.48 -2.92
C CYS A 22 2.42 -2.90 -3.13
N ILE A 23 1.51 -3.78 -2.86
CA ILE A 23 1.72 -5.18 -3.10
C ILE A 23 0.48 -5.68 -3.84
N SER A 24 0.57 -6.82 -4.42
CA SER A 24 -0.52 -7.35 -5.17
C SER A 24 -1.41 -8.13 -4.23
N THR A 25 -2.68 -7.98 -4.40
CA THR A 25 -3.63 -8.68 -3.57
C THR A 25 -4.50 -9.54 -4.49
N GLY A 26 -4.01 -9.74 -5.70
CA GLY A 26 -4.68 -10.55 -6.65
C GLY A 26 -4.54 -10.00 -8.04
N VAL A 27 -5.53 -9.28 -8.47
CA VAL A 27 -5.54 -8.70 -9.80
C VAL A 27 -4.97 -7.28 -9.75
N ASN A 28 -5.17 -6.64 -8.64
CA ASN A 28 -4.75 -5.26 -8.48
C ASN A 28 -3.74 -5.14 -7.39
N TYR A 29 -3.12 -4.00 -7.34
CA TYR A 29 -2.16 -3.69 -6.34
C TYR A 29 -2.81 -2.79 -5.32
N TYR A 30 -2.70 -3.17 -4.10
CA TYR A 30 -3.26 -2.42 -3.02
C TYR A 30 -2.15 -2.04 -2.11
N CYS A 31 -2.37 -1.06 -1.33
CA CYS A 31 -1.36 -0.63 -0.40
C CYS A 31 -1.44 -1.49 0.85
N ARG A 32 -0.32 -1.99 1.24
CA ARG A 32 -0.20 -2.86 2.36
C ARG A 32 0.90 -2.32 3.25
N PRO A 33 0.85 -2.58 4.56
CA PRO A 33 1.86 -2.09 5.48
C PRO A 33 3.25 -2.66 5.21
N ASP A 34 4.22 -1.79 5.11
CA ASP A 34 5.63 -2.16 4.86
C ASP A 34 6.24 -2.69 6.12
N VAL A 35 5.61 -2.28 7.14
CA VAL A 35 5.89 -2.58 8.50
C VAL A 35 4.56 -2.64 9.21
N GLY A 36 4.37 -3.67 9.93
CA GLY A 36 3.16 -3.84 10.69
C GLY A 36 2.51 -5.17 10.40
N PRO A 37 1.17 -5.24 10.48
CA PRO A 37 0.44 -6.46 10.20
C PRO A 37 0.23 -6.65 8.70
N GLY A 1 -6.15 9.77 9.94
CA GLY A 1 -4.93 10.36 9.42
C GLY A 1 -4.69 9.91 8.01
N CYS A 2 -3.52 9.39 7.76
CA CYS A 2 -3.16 8.88 6.47
C CYS A 2 -3.32 7.37 6.50
N ASN A 3 -4.39 6.90 5.90
CA ASN A 3 -4.70 5.50 5.84
C ASN A 3 -5.12 5.14 4.46
N ARG A 4 -4.24 4.54 3.74
CA ARG A 4 -4.52 4.09 2.43
C ARG A 4 -4.38 2.59 2.34
N LEU A 5 -4.14 1.97 3.49
CA LEU A 5 -4.15 0.51 3.60
C LEU A 5 -5.46 -0.02 3.07
N ASN A 6 -5.37 -1.06 2.26
CA ASN A 6 -6.50 -1.72 1.61
C ASN A 6 -6.97 -1.02 0.36
N LYS A 7 -6.55 0.22 0.17
CA LYS A 7 -6.96 0.93 -1.01
C LYS A 7 -6.06 0.55 -2.15
N LYS A 8 -6.57 0.68 -3.35
CA LYS A 8 -5.90 0.23 -4.51
C LYS A 8 -4.90 1.26 -4.99
N CYS A 9 -3.72 0.81 -5.14
CA CYS A 9 -2.64 1.64 -5.57
C CYS A 9 -2.04 1.07 -6.81
N ASN A 10 -1.18 1.82 -7.42
CA ASN A 10 -0.41 1.30 -8.51
C ASN A 10 1.05 1.50 -8.15
N SER A 11 1.28 2.17 -7.03
CA SER A 11 2.61 2.47 -6.58
C SER A 11 2.62 2.87 -5.17
N ASP A 12 3.76 2.70 -4.56
CA ASP A 12 4.07 3.12 -3.18
C ASP A 12 3.65 4.58 -2.99
N ALA A 13 3.76 5.34 -4.06
CA ALA A 13 3.42 6.76 -4.07
C ALA A 13 1.92 6.99 -3.89
N ASP A 14 1.12 5.98 -4.17
CA ASP A 14 -0.31 6.04 -4.04
C ASP A 14 -0.70 5.78 -2.61
N CYS A 15 0.23 5.32 -1.81
CA CYS A 15 -0.04 5.01 -0.43
C CYS A 15 0.70 6.05 0.41
N CYS A 16 0.64 5.95 1.72
CA CYS A 16 1.44 6.81 2.54
C CYS A 16 2.88 6.34 2.39
N ARG A 17 3.81 7.27 2.36
CA ARG A 17 5.21 6.99 2.05
C ARG A 17 5.84 6.02 3.06
N TYR A 18 5.32 6.02 4.23
CA TYR A 18 5.82 5.16 5.24
C TYR A 18 4.70 4.36 5.88
N GLY A 19 4.97 3.13 6.13
CA GLY A 19 4.02 2.27 6.81
C GLY A 19 3.14 1.50 5.86
N GLU A 20 3.03 1.97 4.65
CA GLU A 20 2.21 1.32 3.66
C GLU A 20 3.05 1.10 2.43
N ARG A 21 2.76 0.06 1.72
CA ARG A 21 3.40 -0.23 0.45
C ARG A 21 2.45 -0.95 -0.42
N CYS A 22 2.78 -1.05 -1.66
CA CYS A 22 1.93 -1.74 -2.58
C CYS A 22 2.29 -3.17 -2.73
N ILE A 23 1.39 -4.00 -2.36
CA ILE A 23 1.54 -5.42 -2.57
C ILE A 23 0.39 -5.83 -3.45
N SER A 24 0.48 -6.95 -4.04
CA SER A 24 -0.53 -7.40 -4.92
C SER A 24 -1.44 -8.31 -4.18
N THR A 25 -2.71 -8.16 -4.40
CA THR A 25 -3.68 -9.01 -3.79
C THR A 25 -4.20 -10.01 -4.85
N GLY A 26 -3.51 -10.01 -5.97
CA GLY A 26 -3.84 -10.86 -7.04
C GLY A 26 -3.87 -10.09 -8.33
N VAL A 27 -4.99 -9.50 -8.62
CA VAL A 27 -5.14 -8.73 -9.83
C VAL A 27 -4.54 -7.34 -9.67
N ASN A 28 -4.87 -6.67 -8.59
CA ASN A 28 -4.43 -5.30 -8.40
C ASN A 28 -3.51 -5.19 -7.21
N TYR A 29 -2.86 -4.05 -7.12
CA TYR A 29 -2.02 -3.73 -6.04
C TYR A 29 -2.84 -2.96 -5.03
N TYR A 30 -2.67 -3.27 -3.79
CA TYR A 30 -3.33 -2.58 -2.74
C TYR A 30 -2.32 -2.24 -1.72
N CYS A 31 -2.59 -1.26 -0.96
CA CYS A 31 -1.64 -0.84 0.02
C CYS A 31 -1.72 -1.76 1.23
N ARG A 32 -0.61 -2.32 1.58
CA ARG A 32 -0.49 -3.25 2.67
C ARG A 32 0.57 -2.70 3.60
N PRO A 33 0.58 -3.12 4.87
CA PRO A 33 1.52 -2.59 5.83
C PRO A 33 2.97 -2.91 5.52
N ASP A 34 3.77 -1.87 5.56
CA ASP A 34 5.19 -1.94 5.42
C ASP A 34 5.76 -1.78 6.79
N VAL A 35 6.08 -2.87 7.36
CA VAL A 35 6.57 -2.91 8.72
C VAL A 35 8.02 -3.40 8.72
N GLY A 36 8.55 -3.53 7.53
CA GLY A 36 9.92 -4.00 7.36
C GLY A 36 10.11 -5.42 7.89
N PRO A 37 10.86 -5.59 8.99
CA PRO A 37 11.01 -6.89 9.64
C PRO A 37 9.66 -7.47 10.10
N GLY A 1 -3.31 10.62 9.35
CA GLY A 1 -2.05 10.39 8.66
C GLY A 1 -2.20 9.37 7.57
N CYS A 2 -1.24 8.51 7.44
CA CYS A 2 -1.23 7.50 6.41
C CYS A 2 -2.12 6.32 6.75
N ASN A 3 -3.24 6.27 6.10
CA ASN A 3 -4.19 5.21 6.19
C ASN A 3 -4.76 4.97 4.83
N ARG A 4 -3.96 4.39 3.99
CA ARG A 4 -4.36 4.09 2.63
C ARG A 4 -4.23 2.59 2.41
N LEU A 5 -4.22 1.87 3.51
CA LEU A 5 -4.10 0.41 3.46
C LEU A 5 -5.36 -0.20 2.91
N ASN A 6 -5.17 -1.16 2.01
CA ASN A 6 -6.24 -1.87 1.32
C ASN A 6 -6.95 -1.02 0.29
N LYS A 7 -6.41 0.15 0.05
CA LYS A 7 -6.89 0.99 -1.00
C LYS A 7 -6.10 0.60 -2.22
N LYS A 8 -6.68 0.75 -3.35
CA LYS A 8 -6.07 0.33 -4.57
C LYS A 8 -5.20 1.43 -5.10
N CYS A 9 -4.00 1.08 -5.37
CA CYS A 9 -3.04 2.02 -5.85
C CYS A 9 -2.67 1.74 -7.27
N ASN A 10 -2.10 2.71 -7.89
CA ASN A 10 -1.50 2.54 -9.18
C ASN A 10 -0.01 2.40 -8.96
N SER A 11 0.44 2.90 -7.81
CA SER A 11 1.82 2.91 -7.46
C SER A 11 2.00 3.28 -6.04
N ASP A 12 3.21 3.10 -5.60
CA ASP A 12 3.70 3.53 -4.28
C ASP A 12 3.34 4.98 -4.05
N ALA A 13 3.38 5.74 -5.15
CA ALA A 13 3.13 7.17 -5.14
C ALA A 13 1.71 7.51 -4.75
N ASP A 14 0.81 6.56 -4.89
CA ASP A 14 -0.58 6.72 -4.54
C ASP A 14 -0.73 6.71 -3.03
N CYS A 15 0.22 6.13 -2.36
CA CYS A 15 0.19 6.00 -0.92
C CYS A 15 1.43 6.63 -0.32
N CYS A 16 1.65 6.44 0.97
CA CYS A 16 2.83 7.00 1.58
C CYS A 16 4.02 6.10 1.31
N ARG A 17 5.17 6.71 1.15
CA ARG A 17 6.40 5.99 0.82
C ARG A 17 6.86 5.13 2.00
N TYR A 18 6.56 5.59 3.18
CA TYR A 18 6.98 4.90 4.34
C TYR A 18 5.79 4.42 5.09
N GLY A 19 5.85 3.20 5.46
CA GLY A 19 4.78 2.58 6.16
C GLY A 19 3.93 1.77 5.23
N GLU A 20 3.67 2.32 4.07
CA GLU A 20 2.81 1.71 3.11
C GLU A 20 3.58 1.49 1.82
N ARG A 21 3.12 0.57 1.04
CA ARG A 21 3.54 0.39 -0.33
C ARG A 21 2.56 -0.48 -1.02
N CYS A 22 2.67 -0.57 -2.30
CA CYS A 22 1.78 -1.40 -3.05
C CYS A 22 2.26 -2.82 -3.08
N ILE A 23 1.38 -3.73 -2.79
CA ILE A 23 1.67 -5.12 -2.94
C ILE A 23 0.51 -5.70 -3.73
N SER A 24 0.71 -6.81 -4.31
CA SER A 24 -0.26 -7.36 -5.19
C SER A 24 -1.02 -8.46 -4.52
N THR A 25 -2.28 -8.49 -4.78
CA THR A 25 -3.13 -9.56 -4.31
C THR A 25 -3.34 -10.55 -5.44
N GLY A 26 -2.70 -10.26 -6.54
CA GLY A 26 -2.84 -11.01 -7.73
C GLY A 26 -3.81 -10.33 -8.65
N VAL A 27 -4.89 -9.85 -8.08
CA VAL A 27 -5.89 -9.14 -8.83
C VAL A 27 -5.49 -7.69 -8.96
N ASN A 28 -5.35 -7.04 -7.84
CA ASN A 28 -5.04 -5.64 -7.82
C ASN A 28 -3.90 -5.40 -6.88
N TYR A 29 -3.35 -4.24 -6.97
CA TYR A 29 -2.32 -3.82 -6.11
C TYR A 29 -2.94 -2.89 -5.10
N TYR A 30 -2.82 -3.24 -3.87
CA TYR A 30 -3.35 -2.43 -2.82
C TYR A 30 -2.22 -2.06 -1.93
N CYS A 31 -2.37 -1.00 -1.24
CA CYS A 31 -1.35 -0.59 -0.34
C CYS A 31 -1.43 -1.35 0.95
N ARG A 32 -0.32 -1.90 1.34
CA ARG A 32 -0.19 -2.66 2.56
C ARG A 32 0.96 -2.12 3.37
N PRO A 33 0.98 -2.38 4.68
CA PRO A 33 2.03 -1.88 5.54
C PRO A 33 3.31 -2.66 5.36
N ASP A 34 4.37 -1.93 5.15
CA ASP A 34 5.69 -2.50 4.90
C ASP A 34 6.43 -2.69 6.22
N VAL A 35 5.75 -2.32 7.24
CA VAL A 35 6.20 -2.36 8.58
C VAL A 35 5.06 -2.86 9.47
N GLY A 36 5.33 -3.90 10.15
CA GLY A 36 4.38 -4.46 11.08
C GLY A 36 4.66 -5.92 11.31
N PRO A 37 5.01 -6.33 12.53
CA PRO A 37 5.31 -7.73 12.83
C PRO A 37 4.05 -8.61 12.85
N GLY A 1 -3.55 13.06 7.41
CA GLY A 1 -3.98 11.72 7.74
C GLY A 1 -3.20 10.72 6.97
N CYS A 2 -3.32 9.48 7.32
CA CYS A 2 -2.60 8.43 6.65
C CYS A 2 -3.43 7.16 6.62
N ASN A 3 -4.06 6.91 5.51
CA ASN A 3 -4.80 5.67 5.32
C ASN A 3 -4.94 5.37 3.86
N ARG A 4 -4.03 4.62 3.36
CA ARG A 4 -4.10 4.19 1.99
C ARG A 4 -4.26 2.69 1.97
N LEU A 5 -4.29 2.10 3.15
CA LEU A 5 -4.49 0.67 3.32
C LEU A 5 -5.75 0.21 2.64
N ASN A 6 -5.59 -0.84 1.85
CA ASN A 6 -6.67 -1.51 1.12
C ASN A 6 -7.19 -0.69 -0.04
N LYS A 7 -6.57 0.43 -0.28
CA LYS A 7 -6.91 1.25 -1.41
C LYS A 7 -5.96 0.85 -2.51
N LYS A 8 -6.38 0.95 -3.74
CA LYS A 8 -5.58 0.51 -4.83
C LYS A 8 -4.56 1.56 -5.15
N CYS A 9 -3.38 1.14 -5.33
CA CYS A 9 -2.32 2.05 -5.67
C CYS A 9 -1.82 1.80 -7.05
N ASN A 10 -1.13 2.78 -7.55
CA ASN A 10 -0.42 2.67 -8.78
C ASN A 10 1.01 2.41 -8.41
N SER A 11 1.38 2.96 -7.27
CA SER A 11 2.71 2.94 -6.81
C SER A 11 2.76 3.15 -5.35
N ASP A 12 3.89 2.81 -4.81
CA ASP A 12 4.26 3.02 -3.42
C ASP A 12 3.95 4.46 -3.01
N ALA A 13 4.11 5.37 -3.97
CA ALA A 13 3.89 6.81 -3.76
C ALA A 13 2.42 7.15 -3.53
N ASP A 14 1.54 6.23 -3.85
CA ASP A 14 0.11 6.40 -3.65
C ASP A 14 -0.25 6.06 -2.23
N CYS A 15 0.65 5.35 -1.58
CA CYS A 15 0.46 4.93 -0.22
C CYS A 15 1.21 5.92 0.64
N CYS A 16 1.06 5.85 1.95
CA CYS A 16 1.88 6.67 2.83
C CYS A 16 3.34 6.31 2.64
N ARG A 17 4.23 7.23 2.98
CA ARG A 17 5.65 7.03 2.81
C ARG A 17 6.15 6.00 3.80
N TYR A 18 5.47 5.87 4.89
CA TYR A 18 5.87 4.96 5.92
C TYR A 18 4.66 4.18 6.37
N GLY A 19 4.87 2.92 6.64
CA GLY A 19 3.82 2.08 7.18
C GLY A 19 2.97 1.39 6.14
N GLU A 20 2.96 1.88 4.94
CA GLU A 20 2.14 1.31 3.88
C GLU A 20 2.92 1.29 2.60
N ARG A 21 2.69 0.30 1.79
CA ARG A 21 3.19 0.28 0.46
C ARG A 21 2.42 -0.70 -0.35
N CYS A 22 2.65 -0.68 -1.62
CA CYS A 22 1.93 -1.54 -2.53
C CYS A 22 2.37 -2.96 -2.43
N ILE A 23 1.42 -3.81 -2.17
CA ILE A 23 1.65 -5.23 -2.22
C ILE A 23 0.52 -5.78 -3.04
N SER A 24 0.71 -6.90 -3.59
CA SER A 24 -0.27 -7.48 -4.47
C SER A 24 -1.30 -8.16 -3.63
N THR A 25 -2.53 -7.91 -3.93
CA THR A 25 -3.62 -8.49 -3.17
C THR A 25 -4.49 -9.35 -4.11
N GLY A 26 -3.86 -9.83 -5.16
CA GLY A 26 -4.53 -10.63 -6.11
C GLY A 26 -4.11 -10.25 -7.49
N VAL A 27 -4.88 -9.42 -8.12
CA VAL A 27 -4.60 -8.97 -9.46
C VAL A 27 -3.87 -7.63 -9.39
N ASN A 28 -4.27 -6.82 -8.47
CA ASN A 28 -3.77 -5.47 -8.36
C ASN A 28 -2.98 -5.27 -7.11
N TYR A 29 -2.40 -4.10 -7.03
CA TYR A 29 -1.63 -3.71 -5.91
C TYR A 29 -2.45 -2.77 -5.07
N TYR A 30 -2.54 -3.11 -3.84
CA TYR A 30 -3.21 -2.29 -2.88
C TYR A 30 -2.20 -1.93 -1.88
N CYS A 31 -2.48 -0.93 -1.13
CA CYS A 31 -1.54 -0.55 -0.12
C CYS A 31 -1.78 -1.41 1.08
N ARG A 32 -0.76 -2.07 1.50
CA ARG A 32 -0.83 -2.95 2.60
C ARG A 32 0.23 -2.48 3.59
N PRO A 33 0.12 -2.84 4.88
CA PRO A 33 1.07 -2.37 5.88
C PRO A 33 2.46 -2.91 5.64
N ASP A 34 3.40 -2.01 5.65
CA ASP A 34 4.78 -2.34 5.47
C ASP A 34 5.36 -2.55 6.81
N VAL A 35 5.32 -3.76 7.23
CA VAL A 35 5.73 -4.14 8.55
C VAL A 35 6.78 -5.25 8.55
N GLY A 36 8.00 -4.84 8.31
CA GLY A 36 9.14 -5.76 8.31
C GLY A 36 9.02 -6.89 7.29
N PRO A 37 9.22 -6.59 6.00
CA PRO A 37 9.11 -7.59 4.94
C PRO A 37 10.33 -8.52 4.90
N GLY A 1 -1.88 11.25 4.90
CA GLY A 1 -1.69 10.40 6.07
C GLY A 1 -1.53 8.97 5.66
N CYS A 2 -1.06 8.13 6.55
CA CYS A 2 -0.88 6.74 6.21
C CYS A 2 -2.09 5.91 6.58
N ASN A 3 -3.06 5.94 5.71
CA ASN A 3 -4.28 5.19 5.84
C ASN A 3 -4.72 4.79 4.45
N ARG A 4 -3.81 4.24 3.71
CA ARG A 4 -4.12 3.78 2.40
C ARG A 4 -3.86 2.30 2.31
N LEU A 5 -3.68 1.71 3.47
CA LEU A 5 -3.55 0.29 3.62
C LEU A 5 -4.84 -0.36 3.19
N ASN A 6 -4.73 -1.40 2.39
CA ASN A 6 -5.86 -2.16 1.84
C ASN A 6 -6.56 -1.41 0.72
N LYS A 7 -6.12 -0.19 0.46
CA LYS A 7 -6.67 0.58 -0.61
C LYS A 7 -5.83 0.33 -1.84
N LYS A 8 -6.42 0.52 -2.98
CA LYS A 8 -5.80 0.18 -4.23
C LYS A 8 -4.89 1.29 -4.69
N CYS A 9 -3.71 0.91 -5.00
CA CYS A 9 -2.70 1.80 -5.52
C CYS A 9 -2.30 1.37 -6.90
N ASN A 10 -1.58 2.22 -7.57
CA ASN A 10 -1.01 1.88 -8.85
C ASN A 10 0.48 1.81 -8.66
N SER A 11 0.93 2.35 -7.53
CA SER A 11 2.30 2.44 -7.20
C SER A 11 2.46 2.70 -5.78
N ASP A 12 3.63 2.39 -5.30
CA ASP A 12 4.06 2.67 -3.93
C ASP A 12 3.84 4.14 -3.64
N ALA A 13 4.06 4.95 -4.67
CA ALA A 13 3.93 6.40 -4.60
C ALA A 13 2.48 6.87 -4.46
N ASP A 14 1.53 5.94 -4.50
CA ASP A 14 0.14 6.26 -4.25
C ASP A 14 -0.12 6.28 -2.75
N CYS A 15 0.76 5.67 -2.01
CA CYS A 15 0.66 5.59 -0.56
C CYS A 15 1.89 6.22 0.07
N CYS A 16 2.01 6.13 1.40
CA CYS A 16 3.15 6.70 2.09
C CYS A 16 4.44 6.04 1.67
N ARG A 17 5.50 6.78 1.80
CA ARG A 17 6.81 6.30 1.45
C ARG A 17 7.31 5.35 2.52
N TYR A 18 6.86 5.56 3.72
CA TYR A 18 7.25 4.72 4.81
C TYR A 18 6.01 4.26 5.52
N GLY A 19 5.96 3.00 5.78
CA GLY A 19 4.85 2.39 6.45
C GLY A 19 4.01 1.55 5.51
N GLU A 20 3.79 2.05 4.32
CA GLU A 20 2.93 1.42 3.34
C GLU A 20 3.77 1.10 2.13
N ARG A 21 3.34 0.12 1.39
CA ARG A 21 3.92 -0.25 0.10
C ARG A 21 2.91 -0.97 -0.70
N CYS A 22 3.14 -1.07 -1.96
CA CYS A 22 2.19 -1.76 -2.82
C CYS A 22 2.55 -3.17 -3.10
N ILE A 23 1.63 -4.05 -2.80
CA ILE A 23 1.80 -5.44 -3.12
C ILE A 23 0.62 -5.78 -4.00
N SER A 24 0.73 -6.81 -4.75
CA SER A 24 -0.33 -7.19 -5.60
C SER A 24 -1.18 -8.19 -4.87
N THR A 25 -2.44 -8.20 -5.12
CA THR A 25 -3.32 -9.14 -4.54
C THR A 25 -4.32 -9.53 -5.59
N GLY A 26 -3.81 -10.20 -6.58
CA GLY A 26 -4.59 -10.69 -7.65
C GLY A 26 -4.80 -9.65 -8.71
N VAL A 27 -6.02 -9.15 -8.76
CA VAL A 27 -6.42 -8.20 -9.77
C VAL A 27 -5.73 -6.84 -9.57
N ASN A 28 -5.69 -6.37 -8.35
CA ASN A 28 -5.18 -5.04 -8.10
C ASN A 28 -4.02 -5.05 -7.14
N TYR A 29 -3.39 -3.90 -7.06
CA TYR A 29 -2.35 -3.65 -6.11
C TYR A 29 -2.95 -2.91 -4.97
N TYR A 30 -2.66 -3.33 -3.80
CA TYR A 30 -3.17 -2.70 -2.64
C TYR A 30 -2.02 -2.36 -1.78
N CYS A 31 -2.18 -1.39 -0.98
CA CYS A 31 -1.12 -1.03 -0.08
C CYS A 31 -1.16 -1.88 1.17
N ARG A 32 -0.03 -2.41 1.50
CA ARG A 32 0.15 -3.28 2.65
C ARG A 32 1.16 -2.61 3.56
N PRO A 33 1.12 -2.88 4.87
CA PRO A 33 2.04 -2.28 5.80
C PRO A 33 3.40 -2.95 5.74
N ASP A 34 4.42 -2.14 5.58
CA ASP A 34 5.81 -2.64 5.56
C ASP A 34 6.34 -2.60 6.96
N VAL A 35 5.60 -1.92 7.73
CA VAL A 35 5.82 -1.69 9.11
C VAL A 35 4.64 -2.27 9.82
N GLY A 36 4.91 -3.22 10.61
CA GLY A 36 3.89 -3.91 11.33
C GLY A 36 3.57 -5.20 10.64
N PRO A 37 2.30 -5.56 10.48
CA PRO A 37 1.91 -6.78 9.81
C PRO A 37 1.86 -6.57 8.30
N GLY A 1 -3.32 11.42 8.02
CA GLY A 1 -2.93 10.13 8.57
C GLY A 1 -2.83 9.11 7.48
N CYS A 2 -1.80 8.31 7.50
CA CYS A 2 -1.62 7.30 6.48
C CYS A 2 -2.43 6.06 6.78
N ASN A 3 -3.62 6.03 6.21
CA ASN A 3 -4.49 4.91 6.31
C ASN A 3 -5.21 4.77 4.97
N ARG A 4 -4.43 4.43 3.99
CA ARG A 4 -4.88 4.20 2.62
C ARG A 4 -4.82 2.72 2.39
N LEU A 5 -4.64 2.01 3.47
CA LEU A 5 -4.58 0.58 3.49
C LEU A 5 -5.88 0.02 2.94
N ASN A 6 -5.75 -0.97 2.06
CA ASN A 6 -6.87 -1.66 1.39
C ASN A 6 -7.37 -0.92 0.18
N LYS A 7 -6.89 0.27 -0.02
CA LYS A 7 -7.26 1.02 -1.19
C LYS A 7 -6.35 0.57 -2.30
N LYS A 8 -6.81 0.70 -3.51
CA LYS A 8 -6.07 0.24 -4.63
C LYS A 8 -5.21 1.35 -5.16
N CYS A 9 -3.96 1.07 -5.25
CA CYS A 9 -3.01 2.00 -5.73
C CYS A 9 -2.60 1.64 -7.12
N ASN A 10 -2.03 2.58 -7.84
CA ASN A 10 -1.47 2.26 -9.12
C ASN A 10 0.01 2.01 -8.92
N SER A 11 0.46 2.43 -7.73
CA SER A 11 1.81 2.28 -7.30
C SER A 11 1.95 2.61 -5.87
N ASP A 12 3.05 2.17 -5.32
CA ASP A 12 3.50 2.49 -3.97
C ASP A 12 3.38 3.97 -3.72
N ALA A 13 3.67 4.74 -4.76
CA ALA A 13 3.68 6.21 -4.69
C ALA A 13 2.27 6.79 -4.47
N ASP A 14 1.25 5.99 -4.69
CA ASP A 14 -0.13 6.39 -4.49
C ASP A 14 -0.44 6.44 -3.00
N CYS A 15 0.32 5.74 -2.23
CA CYS A 15 0.15 5.71 -0.80
C CYS A 15 1.40 6.25 -0.13
N CYS A 16 1.45 6.27 1.17
CA CYS A 16 2.60 6.83 1.86
C CYS A 16 3.79 5.90 1.74
N ARG A 17 4.97 6.47 1.76
CA ARG A 17 6.21 5.72 1.71
C ARG A 17 6.51 5.16 3.07
N TYR A 18 6.03 5.85 4.05
CA TYR A 18 6.23 5.46 5.40
C TYR A 18 4.90 5.09 5.94
N GLY A 19 4.84 3.94 6.48
CA GLY A 19 3.60 3.43 6.98
C GLY A 19 2.95 2.44 6.03
N GLU A 20 3.02 2.73 4.74
CA GLU A 20 2.31 1.96 3.74
C GLU A 20 3.23 1.61 2.60
N ARG A 21 2.77 0.72 1.78
CA ARG A 21 3.38 0.33 0.54
C ARG A 21 2.38 -0.44 -0.25
N CYS A 22 2.68 -0.67 -1.47
CA CYS A 22 1.78 -1.44 -2.29
C CYS A 22 2.22 -2.86 -2.43
N ILE A 23 1.30 -3.74 -2.22
CA ILE A 23 1.53 -5.16 -2.44
C ILE A 23 0.45 -5.60 -3.43
N SER A 24 0.63 -6.71 -4.01
CA SER A 24 -0.30 -7.21 -4.98
C SER A 24 -1.17 -8.24 -4.33
N THR A 25 -2.42 -8.27 -4.73
CA THR A 25 -3.30 -9.31 -4.28
C THR A 25 -3.52 -10.31 -5.41
N GLY A 26 -2.68 -10.22 -6.41
CA GLY A 26 -2.76 -11.08 -7.53
C GLY A 26 -2.88 -10.30 -8.79
N VAL A 27 -3.95 -9.57 -8.91
CA VAL A 27 -4.20 -8.76 -10.08
C VAL A 27 -3.96 -7.30 -9.75
N ASN A 28 -4.64 -6.82 -8.73
CA ASN A 28 -4.54 -5.42 -8.35
C ASN A 28 -3.51 -5.25 -7.26
N TYR A 29 -3.11 -4.03 -7.07
CA TYR A 29 -2.18 -3.67 -6.07
C TYR A 29 -2.90 -2.83 -5.05
N TYR A 30 -2.82 -3.22 -3.81
CA TYR A 30 -3.46 -2.50 -2.76
C TYR A 30 -2.44 -2.10 -1.76
N CYS A 31 -2.76 -1.13 -1.01
CA CYS A 31 -1.82 -0.63 -0.04
C CYS A 31 -1.90 -1.42 1.25
N ARG A 32 -0.77 -1.83 1.73
CA ARG A 32 -0.61 -2.64 2.90
C ARG A 32 0.40 -1.97 3.77
N PRO A 33 0.42 -2.22 5.08
CA PRO A 33 1.36 -1.57 5.99
C PRO A 33 2.81 -1.97 5.71
N ASP A 34 3.67 -1.00 5.78
CA ASP A 34 5.09 -1.19 5.55
C ASP A 34 5.76 -1.58 6.84
N VAL A 35 5.66 -2.82 7.12
CA VAL A 35 6.19 -3.39 8.34
C VAL A 35 6.86 -4.70 8.02
N GLY A 36 8.12 -4.71 8.17
CA GLY A 36 8.88 -5.90 7.94
C GLY A 36 9.18 -6.56 9.26
N PRO A 37 9.12 -7.90 9.35
CA PRO A 37 9.40 -8.63 10.59
C PRO A 37 10.86 -8.48 11.06
N GLY A 1 -1.54 9.31 11.49
CA GLY A 1 -2.55 10.13 10.84
C GLY A 1 -2.60 9.91 9.33
N CYS A 2 -2.14 8.77 8.88
CA CYS A 2 -2.09 8.50 7.46
C CYS A 2 -2.53 7.06 7.24
N ASN A 3 -3.43 6.84 6.30
CA ASN A 3 -3.94 5.52 6.02
C ASN A 3 -4.42 5.42 4.60
N ARG A 4 -3.74 4.62 3.85
CA ARG A 4 -4.11 4.33 2.48
C ARG A 4 -4.25 2.83 2.34
N LEU A 5 -4.14 2.13 3.46
CA LEU A 5 -4.29 0.68 3.53
C LEU A 5 -5.57 0.22 2.87
N ASN A 6 -5.45 -0.82 2.05
CA ASN A 6 -6.56 -1.46 1.31
C ASN A 6 -7.02 -0.67 0.09
N LYS A 7 -6.37 0.43 -0.18
CA LYS A 7 -6.68 1.17 -1.38
C LYS A 7 -5.78 0.65 -2.48
N LYS A 8 -6.22 0.72 -3.69
CA LYS A 8 -5.45 0.20 -4.80
C LYS A 8 -4.49 1.26 -5.25
N CYS A 9 -3.27 0.94 -5.20
CA CYS A 9 -2.25 1.89 -5.51
C CYS A 9 -1.62 1.61 -6.83
N ASN A 10 -1.02 2.62 -7.39
CA ASN A 10 -0.25 2.45 -8.58
C ASN A 10 1.21 2.43 -8.17
N SER A 11 1.46 2.94 -6.97
CA SER A 11 2.78 3.07 -6.47
C SER A 11 2.76 3.37 -5.02
N ASP A 12 3.90 3.19 -4.42
CA ASP A 12 4.20 3.56 -3.03
C ASP A 12 3.75 5.00 -2.77
N ALA A 13 3.87 5.81 -3.82
CA ALA A 13 3.52 7.22 -3.78
C ALA A 13 2.01 7.46 -3.67
N ASP A 14 1.22 6.41 -3.86
CA ASP A 14 -0.21 6.47 -3.72
C ASP A 14 -0.59 6.15 -2.29
N CYS A 15 0.35 5.60 -1.58
CA CYS A 15 0.16 5.18 -0.21
C CYS A 15 0.87 6.19 0.67
N CYS A 16 0.99 5.93 1.94
CA CYS A 16 1.82 6.77 2.78
C CYS A 16 3.27 6.39 2.50
N ARG A 17 4.16 7.35 2.56
CA ARG A 17 5.56 7.14 2.18
C ARG A 17 6.26 6.27 3.21
N TYR A 18 5.69 6.22 4.39
CA TYR A 18 6.18 5.37 5.42
C TYR A 18 5.02 4.62 6.02
N GLY A 19 5.26 3.38 6.34
CA GLY A 19 4.25 2.56 6.97
C GLY A 19 3.57 1.62 6.00
N GLU A 20 3.35 2.09 4.79
CA GLU A 20 2.60 1.36 3.79
C GLU A 20 3.43 1.25 2.53
N ARG A 21 3.11 0.29 1.72
CA ARG A 21 3.70 0.08 0.42
C ARG A 21 2.72 -0.66 -0.44
N CYS A 22 3.02 -0.77 -1.69
CA CYS A 22 2.14 -1.50 -2.59
C CYS A 22 2.45 -2.96 -2.58
N ILE A 23 1.51 -3.75 -2.16
CA ILE A 23 1.70 -5.19 -2.23
C ILE A 23 0.49 -5.78 -2.94
N SER A 24 0.63 -6.97 -3.42
CA SER A 24 -0.35 -7.56 -4.26
C SER A 24 -1.51 -8.12 -3.44
N THR A 25 -2.68 -8.08 -4.02
CA THR A 25 -3.83 -8.69 -3.44
C THR A 25 -4.65 -9.23 -4.59
N GLY A 26 -4.07 -10.20 -5.24
CA GLY A 26 -4.70 -10.83 -6.34
C GLY A 26 -4.29 -10.20 -7.64
N VAL A 27 -5.23 -9.65 -8.35
CA VAL A 27 -4.97 -9.07 -9.65
C VAL A 27 -4.32 -7.68 -9.52
N ASN A 28 -4.64 -6.96 -8.46
CA ASN A 28 -4.14 -5.60 -8.30
C ASN A 28 -3.31 -5.42 -7.04
N TYR A 29 -2.68 -4.27 -6.94
CA TYR A 29 -1.85 -3.89 -5.85
C TYR A 29 -2.58 -2.95 -4.94
N TYR A 30 -2.53 -3.22 -3.67
CA TYR A 30 -3.17 -2.41 -2.69
C TYR A 30 -2.12 -1.97 -1.73
N CYS A 31 -2.40 -0.96 -0.99
CA CYS A 31 -1.44 -0.50 -0.01
C CYS A 31 -1.55 -1.39 1.21
N ARG A 32 -0.42 -1.95 1.57
CA ARG A 32 -0.30 -2.87 2.68
C ARG A 32 0.85 -2.38 3.53
N PRO A 33 0.95 -2.79 4.81
CA PRO A 33 2.02 -2.35 5.70
C PRO A 33 3.43 -2.74 5.20
N ASP A 34 4.30 -1.75 5.19
CA ASP A 34 5.70 -1.92 4.77
C ASP A 34 6.51 -2.46 5.92
N VAL A 35 5.93 -2.29 7.03
CA VAL A 35 6.46 -2.73 8.28
C VAL A 35 6.02 -4.16 8.55
N GLY A 36 6.79 -5.07 8.03
CA GLY A 36 6.47 -6.48 8.13
C GLY A 36 5.37 -6.84 7.14
N PRO A 37 5.71 -7.01 5.85
CA PRO A 37 4.74 -7.28 4.78
C PRO A 37 4.11 -8.68 4.87
N GLY A 1 -4.40 10.02 9.26
CA GLY A 1 -3.12 9.36 9.47
C GLY A 1 -2.74 8.55 8.26
N CYS A 2 -1.59 7.95 8.29
CA CYS A 2 -1.13 7.18 7.16
C CYS A 2 -1.67 5.76 7.23
N ASN A 3 -2.92 5.64 6.84
CA ASN A 3 -3.62 4.39 6.72
C ASN A 3 -4.17 4.31 5.34
N ARG A 4 -3.46 3.66 4.49
CA ARG A 4 -3.91 3.53 3.13
C ARG A 4 -4.05 2.08 2.80
N LEU A 5 -4.04 1.28 3.86
CA LEU A 5 -4.18 -0.15 3.77
C LEU A 5 -5.47 -0.47 3.09
N ASN A 6 -5.36 -1.30 2.08
CA ASN A 6 -6.46 -1.83 1.31
C ASN A 6 -7.00 -0.85 0.29
N LYS A 7 -6.40 0.32 0.21
CA LYS A 7 -6.75 1.23 -0.84
C LYS A 7 -5.93 0.84 -2.04
N LYS A 8 -6.46 1.04 -3.19
CA LYS A 8 -5.89 0.56 -4.38
C LYS A 8 -4.80 1.51 -4.84
N CYS A 9 -3.69 0.94 -5.17
CA CYS A 9 -2.57 1.70 -5.65
C CYS A 9 -2.13 1.22 -7.01
N ASN A 10 -1.44 2.07 -7.71
CA ASN A 10 -0.81 1.69 -8.95
C ASN A 10 0.65 1.56 -8.65
N SER A 11 1.06 2.20 -7.54
CA SER A 11 2.41 2.27 -7.18
C SER A 11 2.56 2.71 -5.78
N ASP A 12 3.76 2.55 -5.29
CA ASP A 12 4.20 3.03 -3.98
C ASP A 12 3.85 4.50 -3.83
N ALA A 13 3.91 5.20 -4.96
CA ALA A 13 3.64 6.64 -5.02
C ALA A 13 2.16 6.98 -4.75
N ASP A 14 1.30 5.97 -4.77
CA ASP A 14 -0.10 6.13 -4.47
C ASP A 14 -0.29 5.98 -2.97
N CYS A 15 0.69 5.40 -2.34
CA CYS A 15 0.66 5.16 -0.93
C CYS A 15 1.58 6.20 -0.28
N CYS A 16 1.77 6.12 1.03
CA CYS A 16 2.72 7.02 1.70
C CYS A 16 4.13 6.72 1.22
N ARG A 17 5.02 7.70 1.37
CA ARG A 17 6.41 7.56 0.93
C ARG A 17 7.08 6.44 1.67
N TYR A 18 6.67 6.22 2.88
CA TYR A 18 7.13 5.12 3.62
C TYR A 18 6.03 4.70 4.57
N GLY A 19 5.93 3.43 4.81
CA GLY A 19 4.96 2.92 5.72
C GLY A 19 3.96 2.08 5.01
N GLU A 20 3.50 2.58 3.89
CA GLU A 20 2.54 1.89 3.08
C GLU A 20 3.21 1.63 1.76
N ARG A 21 2.94 0.53 1.18
CA ARG A 21 3.48 0.15 -0.11
C ARG A 21 2.54 -0.75 -0.81
N CYS A 22 2.78 -0.97 -2.06
CA CYS A 22 1.89 -1.81 -2.83
C CYS A 22 2.18 -3.26 -2.73
N ILE A 23 1.20 -3.99 -2.32
CA ILE A 23 1.28 -5.44 -2.35
C ILE A 23 0.12 -5.85 -3.24
N SER A 24 0.08 -7.04 -3.66
CA SER A 24 -0.92 -7.43 -4.59
C SER A 24 -1.79 -8.49 -3.98
N THR A 25 -3.05 -8.43 -4.31
CA THR A 25 -3.96 -9.46 -3.87
C THR A 25 -4.07 -10.54 -4.95
N GLY A 26 -3.51 -10.24 -6.06
CA GLY A 26 -3.55 -11.09 -7.20
C GLY A 26 -3.73 -10.30 -8.46
N VAL A 27 -4.89 -9.73 -8.62
CA VAL A 27 -5.21 -8.93 -9.79
C VAL A 27 -4.74 -7.49 -9.59
N ASN A 28 -5.14 -6.90 -8.50
CA ASN A 28 -4.81 -5.51 -8.25
C ASN A 28 -3.77 -5.40 -7.16
N TYR A 29 -3.25 -4.22 -7.02
CA TYR A 29 -2.36 -3.88 -5.97
C TYR A 29 -3.05 -2.91 -5.04
N TYR A 30 -2.84 -3.11 -3.78
CA TYR A 30 -3.40 -2.28 -2.77
C TYR A 30 -2.31 -1.94 -1.82
N CYS A 31 -2.49 -0.90 -1.09
CA CYS A 31 -1.45 -0.48 -0.19
C CYS A 31 -1.54 -1.32 1.07
N ARG A 32 -0.44 -1.81 1.49
CA ARG A 32 -0.31 -2.58 2.69
C ARG A 32 0.88 -2.03 3.45
N PRO A 33 0.94 -2.23 4.77
CA PRO A 33 2.03 -1.70 5.58
C PRO A 33 3.37 -2.37 5.31
N ASP A 34 4.40 -1.58 5.38
CA ASP A 34 5.78 -2.06 5.28
C ASP A 34 6.24 -2.46 6.66
N VAL A 35 5.53 -1.94 7.57
CA VAL A 35 5.79 -2.09 8.97
C VAL A 35 4.74 -2.97 9.66
N GLY A 36 5.00 -4.25 9.67
CA GLY A 36 4.12 -5.18 10.31
C GLY A 36 3.18 -5.85 9.33
N PRO A 37 2.95 -7.18 9.45
CA PRO A 37 2.00 -7.90 8.59
C PRO A 37 0.55 -7.49 8.89
N GLY A 1 1.90 8.69 10.26
CA GLY A 1 0.50 8.34 10.49
C GLY A 1 -0.26 8.42 9.22
N CYS A 2 -0.67 7.31 8.71
CA CYS A 2 -1.35 7.26 7.44
C CYS A 2 -2.19 6.00 7.37
N ASN A 3 -3.29 6.05 6.70
CA ASN A 3 -4.11 4.88 6.51
C ASN A 3 -4.57 4.85 5.09
N ARG A 4 -3.94 4.03 4.33
CA ARG A 4 -4.28 3.86 2.94
C ARG A 4 -4.60 2.40 2.71
N LEU A 5 -4.56 1.63 3.79
CA LEU A 5 -4.83 0.20 3.74
C LEU A 5 -6.09 -0.12 2.98
N ASN A 6 -5.94 -1.10 2.11
CA ASN A 6 -7.06 -1.75 1.39
C ASN A 6 -7.51 -0.96 0.17
N LYS A 7 -6.93 0.20 0.00
CA LYS A 7 -7.16 0.97 -1.18
C LYS A 7 -6.31 0.37 -2.27
N LYS A 8 -6.74 0.48 -3.47
CA LYS A 8 -6.04 -0.06 -4.57
C LYS A 8 -5.20 1.03 -5.19
N CYS A 9 -3.95 0.81 -5.24
CA CYS A 9 -3.03 1.73 -5.79
C CYS A 9 -2.51 1.24 -7.11
N ASN A 10 -1.98 2.13 -7.89
CA ASN A 10 -1.35 1.72 -9.10
C ASN A 10 0.12 1.56 -8.78
N SER A 11 0.52 2.18 -7.68
CA SER A 11 1.86 2.16 -7.21
C SER A 11 1.91 2.57 -5.81
N ASP A 12 3.01 2.28 -5.18
CA ASP A 12 3.34 2.69 -3.81
C ASP A 12 3.16 4.20 -3.68
N ALA A 13 3.41 4.89 -4.80
CA ALA A 13 3.31 6.34 -4.88
C ALA A 13 1.88 6.85 -4.71
N ASP A 14 0.91 5.98 -4.89
CA ASP A 14 -0.50 6.30 -4.74
C ASP A 14 -0.88 6.38 -3.26
N CYS A 15 -0.02 5.85 -2.43
CA CYS A 15 -0.25 5.84 -1.01
C CYS A 15 0.95 6.43 -0.30
N CYS A 16 0.97 6.40 1.02
CA CYS A 16 2.09 6.95 1.74
C CYS A 16 3.24 5.98 1.65
N ARG A 17 4.41 6.51 1.54
CA ARG A 17 5.61 5.73 1.41
C ARG A 17 6.06 5.25 2.77
N TYR A 18 5.61 5.93 3.77
CA TYR A 18 5.96 5.60 5.12
C TYR A 18 4.75 5.16 5.86
N GLY A 19 4.86 4.03 6.45
CA GLY A 19 3.77 3.45 7.19
C GLY A 19 2.93 2.52 6.35
N GLU A 20 2.92 2.80 5.07
CA GLU A 20 2.13 2.06 4.09
C GLU A 20 3.08 1.68 2.95
N ARG A 21 2.69 0.71 2.19
CA ARG A 21 3.37 0.33 0.97
C ARG A 21 2.42 -0.34 0.08
N CYS A 22 2.70 -0.30 -1.17
CA CYS A 22 1.87 -1.02 -2.08
C CYS A 22 2.40 -2.37 -2.35
N ILE A 23 1.61 -3.35 -2.07
CA ILE A 23 1.96 -4.71 -2.37
C ILE A 23 0.86 -5.26 -3.25
N SER A 24 1.06 -6.36 -3.86
CA SER A 24 0.06 -6.93 -4.70
C SER A 24 -0.89 -7.68 -3.80
N THR A 25 -2.14 -7.55 -4.04
CA THR A 25 -3.10 -8.24 -3.25
C THR A 25 -4.14 -8.77 -4.19
N GLY A 26 -3.68 -9.65 -5.02
CA GLY A 26 -4.48 -10.24 -6.02
C GLY A 26 -3.93 -9.93 -7.37
N VAL A 27 -4.68 -9.23 -8.16
CA VAL A 27 -4.26 -8.87 -9.51
C VAL A 27 -3.71 -7.43 -9.52
N ASN A 28 -4.12 -6.66 -8.54
CA ASN A 28 -3.72 -5.28 -8.45
C ASN A 28 -2.97 -5.00 -7.16
N TYR A 29 -2.40 -3.83 -7.08
CA TYR A 29 -1.69 -3.40 -5.92
C TYR A 29 -2.64 -2.75 -4.96
N TYR A 30 -2.48 -3.05 -3.74
CA TYR A 30 -3.24 -2.44 -2.70
C TYR A 30 -2.29 -1.95 -1.69
N CYS A 31 -2.74 -1.05 -0.90
CA CYS A 31 -1.87 -0.47 0.05
C CYS A 31 -2.00 -1.25 1.33
N ARG A 32 -0.88 -1.62 1.83
CA ARG A 32 -0.76 -2.49 2.96
C ARG A 32 0.13 -1.78 3.95
N PRO A 33 0.04 -2.12 5.24
CA PRO A 33 0.86 -1.48 6.24
C PRO A 33 2.32 -1.88 6.10
N ASP A 34 3.20 -0.93 6.29
CA ASP A 34 4.61 -1.18 6.23
C ASP A 34 5.06 -1.78 7.53
N VAL A 35 4.88 -3.04 7.58
CA VAL A 35 5.25 -3.84 8.71
C VAL A 35 6.12 -5.00 8.25
N GLY A 36 7.39 -4.75 8.24
CA GLY A 36 8.33 -5.74 7.79
C GLY A 36 8.35 -5.82 6.29
N PRO A 37 8.55 -7.01 5.74
CA PRO A 37 8.52 -7.24 4.29
C PRO A 37 7.09 -7.15 3.73
N GLY A 1 -4.06 10.78 5.96
CA GLY A 1 -2.85 10.34 6.66
C GLY A 1 -2.36 9.07 6.06
N CYS A 2 -1.90 8.16 6.89
CA CYS A 2 -1.45 6.89 6.41
C CYS A 2 -2.36 5.76 6.86
N ASN A 3 -3.49 5.70 6.21
CA ASN A 3 -4.44 4.64 6.37
C ASN A 3 -5.11 4.45 5.04
N ARG A 4 -4.30 4.05 4.11
CA ARG A 4 -4.70 3.82 2.74
C ARG A 4 -4.59 2.33 2.49
N LEU A 5 -4.51 1.61 3.57
CA LEU A 5 -4.36 0.18 3.58
C LEU A 5 -5.57 -0.48 2.95
N ASN A 6 -5.31 -1.39 2.05
CA ASN A 6 -6.30 -2.13 1.27
C ASN A 6 -6.99 -1.28 0.22
N LYS A 7 -6.52 -0.06 0.05
CA LYS A 7 -6.97 0.76 -1.05
C LYS A 7 -6.08 0.46 -2.20
N LYS A 8 -6.58 0.63 -3.37
CA LYS A 8 -5.89 0.24 -4.54
C LYS A 8 -4.95 1.33 -4.97
N CYS A 9 -3.76 0.95 -5.20
CA CYS A 9 -2.75 1.84 -5.61
C CYS A 9 -2.27 1.50 -7.00
N ASN A 10 -1.67 2.46 -7.62
CA ASN A 10 -1.02 2.28 -8.87
C ASN A 10 0.45 2.11 -8.58
N SER A 11 0.86 2.63 -7.41
CA SER A 11 2.23 2.63 -7.01
C SER A 11 2.35 3.03 -5.59
N ASP A 12 3.53 2.79 -5.07
CA ASP A 12 3.97 3.24 -3.73
C ASP A 12 3.58 4.70 -3.53
N ALA A 13 3.65 5.46 -4.62
CA ALA A 13 3.36 6.91 -4.60
C ALA A 13 1.87 7.21 -4.32
N ASP A 14 1.03 6.19 -4.38
CA ASP A 14 -0.38 6.30 -4.06
C ASP A 14 -0.58 6.16 -2.56
N CYS A 15 0.40 5.60 -1.92
CA CYS A 15 0.35 5.34 -0.50
C CYS A 15 1.37 6.26 0.15
N CYS A 16 1.56 6.16 1.43
CA CYS A 16 2.63 6.88 2.07
C CYS A 16 3.97 6.25 1.70
N ARG A 17 5.04 7.03 1.74
CA ARG A 17 6.37 6.59 1.36
C ARG A 17 6.91 5.58 2.38
N TYR A 18 6.42 5.68 3.58
CA TYR A 18 6.79 4.80 4.63
C TYR A 18 5.56 4.47 5.42
N GLY A 19 5.51 3.28 5.94
CA GLY A 19 4.36 2.84 6.69
C GLY A 19 3.42 2.04 5.82
N GLU A 20 3.40 2.36 4.55
CA GLU A 20 2.55 1.71 3.58
C GLU A 20 3.38 1.38 2.36
N ARG A 21 2.96 0.38 1.64
CA ARG A 21 3.58 -0.03 0.37
C ARG A 21 2.59 -0.75 -0.46
N CYS A 22 2.85 -0.83 -1.72
CA CYS A 22 1.96 -1.56 -2.59
C CYS A 22 2.29 -3.01 -2.69
N ILE A 23 1.34 -3.83 -2.33
CA ILE A 23 1.48 -5.27 -2.47
C ILE A 23 0.31 -5.71 -3.32
N SER A 24 0.40 -6.83 -3.90
CA SER A 24 -0.55 -7.25 -4.87
C SER A 24 -1.35 -8.43 -4.41
N THR A 25 -2.62 -8.43 -4.77
CA THR A 25 -3.49 -9.56 -4.53
C THR A 25 -3.51 -10.44 -5.76
N GLY A 26 -2.69 -10.07 -6.71
CA GLY A 26 -2.60 -10.76 -7.96
C GLY A 26 -3.34 -10.00 -9.02
N VAL A 27 -4.51 -9.54 -8.65
CA VAL A 27 -5.35 -8.78 -9.53
C VAL A 27 -4.96 -7.33 -9.46
N ASN A 28 -5.06 -6.76 -8.27
CA ASN A 28 -4.77 -5.36 -8.07
C ASN A 28 -3.69 -5.24 -7.05
N TYR A 29 -3.12 -4.09 -6.99
CA TYR A 29 -2.14 -3.77 -6.03
C TYR A 29 -2.78 -2.83 -5.04
N TYR A 30 -2.65 -3.13 -3.80
CA TYR A 30 -3.24 -2.34 -2.77
C TYR A 30 -2.17 -1.96 -1.80
N CYS A 31 -2.42 -0.94 -1.06
CA CYS A 31 -1.46 -0.50 -0.09
C CYS A 31 -1.58 -1.41 1.14
N ARG A 32 -0.46 -1.89 1.59
CA ARG A 32 -0.38 -2.74 2.73
C ARG A 32 0.65 -2.14 3.64
N PRO A 33 0.62 -2.42 4.95
CA PRO A 33 1.57 -1.84 5.88
C PRO A 33 3.01 -2.23 5.58
N ASP A 34 3.88 -1.23 5.51
CA ASP A 34 5.33 -1.42 5.27
C ASP A 34 5.99 -1.81 6.56
N VAL A 35 5.22 -1.72 7.56
CA VAL A 35 5.59 -2.08 8.88
C VAL A 35 4.95 -3.44 9.22
N GLY A 36 5.68 -4.49 8.91
CA GLY A 36 5.21 -5.83 9.13
C GLY A 36 5.39 -6.68 7.88
N PRO A 37 6.53 -7.39 7.75
CA PRO A 37 6.82 -8.22 6.58
C PRO A 37 6.03 -9.53 6.59
N GLY A 1 0.51 9.24 11.54
CA GLY A 1 0.17 7.95 10.97
C GLY A 1 -0.70 8.10 9.74
N CYS A 2 -0.22 7.59 8.63
CA CYS A 2 -0.95 7.60 7.38
C CYS A 2 -1.84 6.36 7.31
N ASN A 3 -2.86 6.36 6.49
CA ASN A 3 -3.72 5.22 6.31
C ASN A 3 -4.25 5.16 4.90
N ARG A 4 -3.62 4.35 4.10
CA ARG A 4 -4.05 4.14 2.73
C ARG A 4 -4.21 2.65 2.51
N LEU A 5 -4.44 1.95 3.59
CA LEU A 5 -4.71 0.50 3.56
C LEU A 5 -5.86 0.18 2.69
N ASN A 6 -5.60 -0.76 1.81
CA ASN A 6 -6.59 -1.39 0.96
C ASN A 6 -7.14 -0.42 -0.08
N LYS A 7 -6.48 0.70 -0.20
CA LYS A 7 -6.77 1.61 -1.27
C LYS A 7 -5.95 1.13 -2.43
N LYS A 8 -6.44 1.29 -3.60
CA LYS A 8 -5.79 0.75 -4.73
C LYS A 8 -4.64 1.63 -5.12
N CYS A 9 -3.55 1.03 -5.34
CA CYS A 9 -2.41 1.73 -5.79
C CYS A 9 -2.04 1.33 -7.19
N ASN A 10 -1.19 2.12 -7.77
CA ASN A 10 -0.54 1.80 -9.00
C ASN A 10 0.92 1.60 -8.65
N SER A 11 1.31 2.18 -7.53
CA SER A 11 2.65 2.15 -7.06
C SER A 11 2.69 2.58 -5.63
N ASP A 12 3.83 2.38 -5.04
CA ASP A 12 4.13 2.79 -3.68
C ASP A 12 3.90 4.28 -3.50
N ALA A 13 3.99 4.99 -4.60
CA ALA A 13 3.77 6.45 -4.61
C ALA A 13 2.32 6.78 -4.25
N ASP A 14 1.44 5.85 -4.55
CA ASP A 14 0.04 5.97 -4.26
C ASP A 14 -0.19 5.67 -2.80
N CYS A 15 0.76 5.02 -2.20
CA CYS A 15 0.64 4.54 -0.84
C CYS A 15 1.25 5.55 0.12
N CYS A 16 1.30 5.17 1.37
CA CYS A 16 1.88 6.01 2.39
C CYS A 16 3.39 5.95 2.31
N ARG A 17 4.03 6.94 2.89
CA ARG A 17 5.48 7.05 2.87
C ARG A 17 6.12 5.96 3.73
N TYR A 18 5.36 5.48 4.68
CA TYR A 18 5.77 4.42 5.52
C TYR A 18 4.53 3.67 5.96
N GLY A 19 4.64 2.40 6.17
CA GLY A 19 3.56 1.65 6.71
C GLY A 19 2.86 0.82 5.65
N GLU A 20 2.51 1.46 4.57
CA GLU A 20 1.85 0.77 3.50
C GLU A 20 2.62 0.87 2.22
N ARG A 21 2.57 -0.18 1.48
CA ARG A 21 3.14 -0.29 0.14
C ARG A 21 2.26 -1.17 -0.69
N CYS A 22 2.52 -1.23 -1.96
CA CYS A 22 1.69 -2.03 -2.84
C CYS A 22 1.90 -3.50 -2.67
N ILE A 23 0.86 -4.17 -2.30
CA ILE A 23 0.86 -5.60 -2.30
C ILE A 23 -0.31 -5.99 -3.16
N SER A 24 -0.27 -7.14 -3.71
CA SER A 24 -1.26 -7.54 -4.64
C SER A 24 -2.24 -8.47 -3.99
N THR A 25 -3.46 -8.36 -4.40
CA THR A 25 -4.49 -9.24 -3.94
C THR A 25 -4.73 -10.35 -4.97
N GLY A 26 -3.93 -10.35 -6.00
CA GLY A 26 -4.04 -11.32 -7.04
C GLY A 26 -3.80 -10.71 -8.39
N VAL A 27 -4.60 -9.74 -8.74
CA VAL A 27 -4.46 -9.03 -10.01
C VAL A 27 -4.15 -7.57 -9.73
N ASN A 28 -4.90 -7.00 -8.82
CA ASN A 28 -4.76 -5.60 -8.49
C ASN A 28 -3.85 -5.43 -7.33
N TYR A 29 -3.36 -4.24 -7.15
CA TYR A 29 -2.50 -3.90 -6.08
C TYR A 29 -3.17 -2.87 -5.19
N TYR A 30 -3.04 -3.08 -3.92
CA TYR A 30 -3.58 -2.19 -2.94
C TYR A 30 -2.49 -1.89 -1.97
N CYS A 31 -2.65 -0.85 -1.22
CA CYS A 31 -1.63 -0.49 -0.30
C CYS A 31 -1.88 -1.23 0.96
N ARG A 32 -1.01 -2.09 1.26
CA ARG A 32 -1.14 -2.93 2.38
C ARG A 32 0.10 -2.86 3.26
N PRO A 33 0.05 -3.33 4.52
CA PRO A 33 1.11 -3.07 5.50
C PRO A 33 2.44 -3.74 5.24
N ASP A 34 3.48 -3.02 5.60
CA ASP A 34 4.80 -3.52 5.64
C ASP A 34 5.39 -3.05 6.94
N VAL A 35 5.69 -3.97 7.77
CA VAL A 35 6.17 -3.66 9.09
C VAL A 35 7.68 -3.60 9.08
N GLY A 36 8.17 -2.43 8.92
CA GLY A 36 9.58 -2.17 8.94
C GLY A 36 10.28 -2.54 7.64
N PRO A 37 10.12 -1.73 6.57
CA PRO A 37 10.81 -1.94 5.31
C PRO A 37 12.31 -1.57 5.43
N GLY A 1 -3.62 11.75 8.94
CA GLY A 1 -3.00 10.48 9.26
C GLY A 1 -2.90 9.63 8.04
N CYS A 2 -2.98 8.32 8.20
CA CYS A 2 -2.87 7.43 7.09
C CYS A 2 -3.81 6.26 7.17
N ASN A 3 -4.61 6.11 6.15
CA ASN A 3 -5.45 4.96 5.95
C ASN A 3 -5.65 4.79 4.47
N ARG A 4 -4.69 4.17 3.85
CA ARG A 4 -4.75 3.91 2.43
C ARG A 4 -4.70 2.43 2.21
N LEU A 5 -4.85 1.71 3.30
CA LEU A 5 -4.83 0.28 3.28
C LEU A 5 -6.01 -0.23 2.51
N ASN A 6 -5.73 -1.15 1.61
CA ASN A 6 -6.74 -1.80 0.75
C ASN A 6 -7.21 -0.89 -0.36
N LYS A 7 -6.62 0.27 -0.47
CA LYS A 7 -6.94 1.11 -1.56
C LYS A 7 -5.94 0.81 -2.62
N LYS A 8 -6.39 0.80 -3.83
CA LYS A 8 -5.60 0.39 -4.93
C LYS A 8 -4.65 1.48 -5.29
N CYS A 9 -3.44 1.13 -5.41
CA CYS A 9 -2.41 2.07 -5.71
C CYS A 9 -1.82 1.83 -7.05
N ASN A 10 -1.21 2.86 -7.59
CA ASN A 10 -0.51 2.73 -8.83
C ASN A 10 0.96 2.58 -8.53
N SER A 11 1.32 2.91 -7.29
CA SER A 11 2.69 2.87 -6.83
C SER A 11 2.77 3.15 -5.37
N ASP A 12 3.96 2.94 -4.87
CA ASP A 12 4.38 3.26 -3.50
C ASP A 12 4.06 4.72 -3.21
N ALA A 13 4.13 5.53 -4.26
CA ALA A 13 3.88 6.96 -4.18
C ALA A 13 2.41 7.27 -3.88
N ASP A 14 1.55 6.31 -4.14
CA ASP A 14 0.13 6.45 -3.89
C ASP A 14 -0.16 6.10 -2.46
N CYS A 15 0.79 5.49 -1.82
CA CYS A 15 0.65 5.08 -0.46
C CYS A 15 1.38 6.10 0.42
N CYS A 16 1.45 5.84 1.71
CA CYS A 16 2.11 6.76 2.63
C CYS A 16 3.62 6.56 2.62
N ARG A 17 4.32 7.43 3.31
CA ARG A 17 5.78 7.38 3.37
C ARG A 17 6.23 6.35 4.40
N TYR A 18 5.27 5.88 5.19
CA TYR A 18 5.47 4.80 6.11
C TYR A 18 5.65 3.50 5.32
N GLY A 19 5.52 2.36 5.95
CA GLY A 19 5.75 1.12 5.25
C GLY A 19 4.53 0.65 4.52
N GLU A 20 3.77 1.56 4.01
CA GLU A 20 2.56 1.23 3.33
C GLU A 20 2.93 1.26 1.89
N ARG A 21 2.67 0.22 1.22
CA ARG A 21 3.12 0.06 -0.14
C ARG A 21 2.24 -0.86 -0.89
N CYS A 22 2.45 -0.91 -2.16
CA CYS A 22 1.63 -1.72 -3.03
C CYS A 22 1.97 -3.19 -2.95
N ILE A 23 1.09 -3.94 -2.36
CA ILE A 23 1.22 -5.37 -2.38
C ILE A 23 0.00 -5.90 -3.10
N SER A 24 0.09 -7.07 -3.61
CA SER A 24 -0.97 -7.64 -4.40
C SER A 24 -2.06 -8.18 -3.50
N THR A 25 -3.28 -8.03 -3.91
CA THR A 25 -4.38 -8.58 -3.17
C THR A 25 -5.38 -9.14 -4.15
N GLY A 26 -4.96 -10.16 -4.81
CA GLY A 26 -5.76 -10.83 -5.76
C GLY A 26 -5.31 -10.56 -7.15
N VAL A 27 -5.77 -9.48 -7.69
CA VAL A 27 -5.44 -9.10 -9.05
C VAL A 27 -4.68 -7.78 -9.02
N ASN A 28 -5.17 -6.86 -8.25
CA ASN A 28 -4.63 -5.52 -8.22
C ASN A 28 -3.68 -5.36 -7.06
N TYR A 29 -2.99 -4.26 -7.03
CA TYR A 29 -2.10 -3.97 -5.98
C TYR A 29 -2.70 -2.88 -5.13
N TYR A 30 -2.74 -3.13 -3.87
CA TYR A 30 -3.34 -2.21 -2.95
C TYR A 30 -2.32 -1.85 -1.96
N CYS A 31 -2.53 -0.79 -1.25
CA CYS A 31 -1.56 -0.39 -0.26
C CYS A 31 -1.77 -1.26 0.93
N ARG A 32 -0.77 -1.99 1.27
CA ARG A 32 -0.80 -2.87 2.39
C ARG A 32 0.35 -2.46 3.30
N PRO A 33 0.32 -2.83 4.58
CA PRO A 33 1.37 -2.48 5.50
C PRO A 33 2.55 -3.44 5.38
N ASP A 34 3.73 -2.89 5.29
CA ASP A 34 4.92 -3.70 5.16
C ASP A 34 5.97 -3.24 6.11
N VAL A 35 6.07 -3.96 7.15
CA VAL A 35 6.97 -3.66 8.23
C VAL A 35 8.04 -4.75 8.37
N GLY A 36 9.16 -4.52 7.75
CA GLY A 36 10.24 -5.47 7.79
C GLY A 36 11.20 -5.21 8.94
N PRO A 37 12.28 -5.98 9.04
CA PRO A 37 13.32 -5.80 10.07
C PRO A 37 14.04 -4.45 9.95
N GLY A 1 -5.35 10.54 7.22
CA GLY A 1 -4.18 10.12 7.97
C GLY A 1 -3.34 9.16 7.18
N CYS A 2 -2.31 8.65 7.77
CA CYS A 2 -1.47 7.69 7.12
C CYS A 2 -2.02 6.32 7.37
N ASN A 3 -2.89 5.92 6.48
CA ASN A 3 -3.47 4.61 6.48
C ASN A 3 -4.16 4.42 5.17
N ARG A 4 -3.39 3.99 4.23
CA ARG A 4 -3.83 3.82 2.88
C ARG A 4 -3.73 2.34 2.56
N LEU A 5 -3.63 1.55 3.62
CA LEU A 5 -3.61 0.11 3.54
C LEU A 5 -4.91 -0.39 2.95
N ASN A 6 -4.83 -1.47 2.17
CA ASN A 6 -5.97 -2.13 1.47
C ASN A 6 -6.73 -1.23 0.51
N LYS A 7 -6.11 -0.15 0.23
CA LYS A 7 -6.53 0.78 -0.80
C LYS A 7 -5.70 0.47 -2.02
N LYS A 8 -6.22 0.73 -3.17
CA LYS A 8 -5.55 0.40 -4.39
C LYS A 8 -4.56 1.47 -4.77
N CYS A 9 -3.42 1.06 -5.12
CA CYS A 9 -2.39 1.97 -5.52
C CYS A 9 -1.91 1.68 -6.91
N ASN A 10 -1.27 2.66 -7.50
CA ASN A 10 -0.61 2.52 -8.77
C ASN A 10 0.89 2.53 -8.47
N SER A 11 1.23 3.03 -7.29
CA SER A 11 2.58 3.17 -6.87
C SER A 11 2.67 3.46 -5.42
N ASP A 12 3.86 3.31 -4.93
CA ASP A 12 4.27 3.65 -3.57
C ASP A 12 3.80 5.07 -3.21
N ALA A 13 3.73 5.92 -4.24
CA ALA A 13 3.33 7.31 -4.08
C ALA A 13 1.82 7.44 -3.78
N ASP A 14 1.10 6.36 -3.94
CA ASP A 14 -0.31 6.28 -3.67
C ASP A 14 -0.53 5.75 -2.28
N CYS A 15 0.54 5.48 -1.60
CA CYS A 15 0.51 4.97 -0.25
C CYS A 15 1.35 5.92 0.60
N CYS A 16 1.59 5.59 1.84
CA CYS A 16 2.55 6.32 2.62
C CYS A 16 3.93 5.91 2.15
N ARG A 17 4.88 6.82 2.29
CA ARG A 17 6.23 6.61 1.75
C ARG A 17 7.00 5.57 2.59
N TYR A 18 6.48 5.31 3.75
CA TYR A 18 7.02 4.33 4.65
C TYR A 18 5.88 3.68 5.37
N GLY A 19 6.03 2.42 5.67
CA GLY A 19 4.99 1.69 6.37
C GLY A 19 4.07 1.00 5.41
N GLU A 20 3.92 1.55 4.25
CA GLU A 20 3.06 1.01 3.24
C GLU A 20 3.82 0.92 1.95
N ARG A 21 3.47 -0.03 1.16
CA ARG A 21 4.03 -0.21 -0.16
C ARG A 21 3.04 -0.89 -1.03
N CYS A 22 3.25 -0.84 -2.29
CA CYS A 22 2.35 -1.52 -3.20
C CYS A 22 2.68 -2.96 -3.33
N ILE A 23 1.77 -3.80 -2.98
CA ILE A 23 1.92 -5.20 -3.20
C ILE A 23 0.62 -5.67 -3.85
N SER A 24 0.63 -6.83 -4.39
CA SER A 24 -0.51 -7.32 -5.06
C SER A 24 -1.51 -7.86 -4.05
N THR A 25 -2.75 -7.67 -4.33
CA THR A 25 -3.80 -8.18 -3.55
C THR A 25 -4.95 -8.56 -4.47
N GLY A 26 -4.70 -9.59 -5.23
CA GLY A 26 -5.65 -10.11 -6.14
C GLY A 26 -5.47 -9.56 -7.53
N VAL A 27 -6.42 -8.76 -7.94
CA VAL A 27 -6.47 -8.23 -9.30
C VAL A 27 -5.72 -6.89 -9.38
N ASN A 28 -5.58 -6.23 -8.26
CA ASN A 28 -4.95 -4.92 -8.22
C ASN A 28 -3.82 -4.88 -7.23
N TYR A 29 -3.09 -3.79 -7.26
CA TYR A 29 -2.07 -3.53 -6.32
C TYR A 29 -2.68 -2.71 -5.22
N TYR A 30 -2.45 -3.11 -4.03
CA TYR A 30 -2.96 -2.42 -2.90
C TYR A 30 -1.81 -2.07 -2.04
N CYS A 31 -2.01 -1.13 -1.21
CA CYS A 31 -1.00 -0.75 -0.29
C CYS A 31 -1.04 -1.72 0.86
N ARG A 32 0.04 -2.36 1.07
CA ARG A 32 0.20 -3.32 2.11
C ARG A 32 1.36 -2.87 2.96
N PRO A 33 1.43 -3.30 4.21
CA PRO A 33 2.48 -2.87 5.13
C PRO A 33 3.89 -3.22 4.65
N ASP A 34 4.78 -2.25 4.78
CA ASP A 34 6.20 -2.39 4.42
C ASP A 34 6.97 -2.93 5.61
N VAL A 35 6.25 -3.01 6.65
CA VAL A 35 6.67 -3.45 7.92
C VAL A 35 5.41 -3.68 8.72
N GLY A 36 5.35 -4.76 9.41
CA GLY A 36 4.20 -5.11 10.20
C GLY A 36 3.96 -4.12 11.33
N PRO A 37 2.83 -3.42 11.32
CA PRO A 37 2.50 -2.46 12.36
C PRO A 37 1.93 -3.16 13.61
N GLY A 1 -0.61 6.34 11.63
CA GLY A 1 -0.20 7.47 10.80
C GLY A 1 -1.06 7.58 9.57
N CYS A 2 -0.91 6.64 8.67
CA CYS A 2 -1.65 6.63 7.44
C CYS A 2 -2.69 5.52 7.42
N ASN A 3 -3.56 5.58 6.44
CA ASN A 3 -4.53 4.54 6.22
C ASN A 3 -5.05 4.64 4.81
N ARG A 4 -4.35 4.03 3.92
CA ARG A 4 -4.76 3.91 2.54
C ARG A 4 -4.79 2.44 2.22
N LEU A 5 -4.85 1.66 3.28
CA LEU A 5 -4.93 0.23 3.20
C LEU A 5 -6.18 -0.16 2.44
N ASN A 6 -6.06 -1.15 1.57
CA ASN A 6 -7.17 -1.66 0.75
C ASN A 6 -7.55 -0.74 -0.39
N LYS A 7 -6.87 0.39 -0.49
CA LYS A 7 -7.06 1.25 -1.62
C LYS A 7 -6.18 0.71 -2.70
N LYS A 8 -6.57 0.91 -3.91
CA LYS A 8 -5.87 0.40 -5.01
C LYS A 8 -4.81 1.38 -5.44
N CYS A 9 -3.62 0.90 -5.51
CA CYS A 9 -2.51 1.68 -5.91
C CYS A 9 -1.89 1.12 -7.14
N ASN A 10 -1.08 1.90 -7.78
CA ASN A 10 -0.34 1.42 -8.89
C ASN A 10 1.08 1.19 -8.40
N SER A 11 1.38 1.76 -7.24
CA SER A 11 2.67 1.68 -6.63
C SER A 11 2.66 2.25 -5.27
N ASP A 12 3.72 1.99 -4.56
CA ASP A 12 4.05 2.55 -3.24
C ASP A 12 3.82 4.05 -3.25
N ALA A 13 4.15 4.64 -4.38
CA ALA A 13 4.07 6.08 -4.57
C ALA A 13 2.63 6.60 -4.61
N ASP A 14 1.67 5.71 -4.68
CA ASP A 14 0.27 6.07 -4.68
C ASP A 14 -0.24 6.23 -3.27
N CYS A 15 0.50 5.69 -2.35
CA CYS A 15 0.16 5.75 -0.96
C CYS A 15 1.16 6.62 -0.23
N CYS A 16 1.19 6.54 1.09
CA CYS A 16 2.08 7.37 1.88
C CYS A 16 3.54 7.12 1.61
N ARG A 17 4.34 8.07 2.04
CA ARG A 17 5.78 8.09 1.94
C ARG A 17 6.35 6.82 2.54
N TYR A 18 5.75 6.40 3.62
CA TYR A 18 6.14 5.20 4.30
C TYR A 18 4.98 4.76 5.16
N GLY A 19 4.89 3.50 5.45
CA GLY A 19 3.84 2.99 6.31
C GLY A 19 2.86 2.16 5.55
N GLU A 20 2.64 2.52 4.32
CA GLU A 20 1.75 1.83 3.44
C GLU A 20 2.58 1.29 2.32
N ARG A 21 2.35 0.09 1.93
CA ARG A 21 3.05 -0.51 0.81
C ARG A 21 2.08 -1.16 -0.09
N CYS A 22 2.49 -1.35 -1.29
CA CYS A 22 1.62 -1.95 -2.27
C CYS A 22 1.93 -3.39 -2.51
N ILE A 23 1.01 -4.23 -2.16
CA ILE A 23 1.16 -5.65 -2.39
C ILE A 23 0.04 -6.03 -3.32
N SER A 24 0.14 -7.15 -3.92
CA SER A 24 -0.85 -7.58 -4.83
C SER A 24 -1.85 -8.40 -4.09
N THR A 25 -3.09 -8.19 -4.37
CA THR A 25 -4.13 -8.96 -3.78
C THR A 25 -4.73 -9.87 -4.87
N GLY A 26 -4.03 -9.93 -5.98
CA GLY A 26 -4.45 -10.73 -7.08
C GLY A 26 -4.24 -10.04 -8.38
N VAL A 27 -5.28 -9.41 -8.84
CA VAL A 27 -5.27 -8.74 -10.13
C VAL A 27 -4.57 -7.39 -10.02
N ASN A 28 -4.76 -6.71 -8.91
CA ASN A 28 -4.18 -5.39 -8.73
C ASN A 28 -3.39 -5.31 -7.45
N TYR A 29 -2.73 -4.18 -7.27
CA TYR A 29 -1.99 -3.89 -6.10
C TYR A 29 -2.80 -2.99 -5.22
N TYR A 30 -2.82 -3.29 -3.96
CA TYR A 30 -3.52 -2.52 -3.00
C TYR A 30 -2.60 -2.27 -1.86
N CYS A 31 -2.87 -1.25 -1.14
CA CYS A 31 -2.01 -0.90 -0.05
C CYS A 31 -2.23 -1.75 1.21
N ARG A 32 -1.14 -2.17 1.76
CA ARG A 32 -1.06 -3.01 2.93
C ARG A 32 -0.12 -2.32 3.91
N PRO A 33 -0.19 -2.64 5.22
CA PRO A 33 0.67 -2.00 6.22
C PRO A 33 2.14 -2.42 6.07
N ASP A 34 3.01 -1.44 6.02
CA ASP A 34 4.42 -1.68 5.90
C ASP A 34 4.96 -1.98 7.25
N VAL A 35 5.20 -3.20 7.44
CA VAL A 35 5.80 -3.70 8.67
C VAL A 35 7.21 -4.18 8.32
N GLY A 36 7.81 -3.51 7.36
CA GLY A 36 9.13 -3.87 6.92
C GLY A 36 10.22 -3.21 7.77
N PRO A 37 11.47 -3.21 7.29
CA PRO A 37 12.59 -2.64 8.02
C PRO A 37 12.44 -1.12 8.22
#